data_4FHK
#
_entry.id   4FHK
#
_cell.length_a   144.544
_cell.length_b   67.931
_cell.length_c   106.487
_cell.angle_alpha   90.000
_cell.angle_beta   95.400
_cell.angle_gamma   90.000
#
_symmetry.space_group_name_H-M   'C 1 2 1'
#
loop_
_entity.id
_entity.type
_entity.pdbx_description
1 polymer 'Phosphatidylinositol 4,5-bisphosphate 3-kinase catalytic subunit gamma isoform'
2 non-polymer 'SULFATE ION'
3 non-polymer 3-[2-methyl-6-(pyrazin-2-ylamino)pyrimidin-4-yl]-N-(1H-pyrazol-3-yl)imidazo[1,2-b]pyridazin-2-amine
4 water water
#
_entity_poly.entity_id   1
_entity_poly.type   'polypeptide(L)'
_entity_poly.pdbx_seq_one_letter_code
;GSEESQAFQRQLTALIGYDVTDVSNVHDDELEFTRRGLVTPRMAEVASRDPKLYAMHPWVTSKPLPEYLWKKIANNCIFI
VIHRSTTSQTIKVSPDDTPGAILQSFFTKMAKKKSLMDIPESQSEQDFVLRVCGRDEYLVGETPIKNFQWVRHCLKNGEE
IHVVLDTPPDPALDEVRKEEWPLVDDCTGVTGYHEQLTIHGKDHESVFTVSLWDCDRKFRVKIRGIDIPVLPRNTDLTVF
VEANIQHGQQVLCQRRTSPKPFTEEVLWNVWLEFSIKIKDLPKGALLNLQIYCGKAPALSSKASAESPSSESKGKVQLLY
YVNLLLIDHRFLLRRGEYVLHMWQISGKGEDQGSFNADKLTSATNPDKENSMSISILLDNYCHPIALPKHQPTPDPEGDR
VRAEMPNQLRKQLEAIIATDPLNPLTAEDKELLWHFRYESLKHPKAYPKLFSSVKWGQQEIVAKTYQLLARREVWDQSAL
DVGLTMQLLDCNFSDENVRAIAVQKLESLEDDDVLHYLLQLVQAVKFEPYHDSALARFLLKRGLRNKRIGHFLFWFLRSE
IAQSRHYQQRFAVILEAYLRGCGTAMLHDFTQQVQVIEMLQKVTLDIKSLSAEKYDVSSQVISQLKQKLENLQNSQLPES
FRVPYDPGLKAGALAIEKCKVMASKKKPLWLEFKCADPTALSNETIGIIFKHGDDLRQDMLILQILRIMESIWETESLDL
CLLPYGCISTGDKIGMIEIVKDATTIAKIQQSTVGNTGAFKDEVLNHWLKEKSPTEEKFQAAVERFVYSCAGYCVATFVL
GIGDRHNDNIMITETGNLFHIDFGHILGNYKSFLGINKERVPFVLTPDFLFVMGTSGKKTSPHFQKFQDICVKAYLALRH
HTNLLIILFSMMLMTGMPQLTSKEDIEYIRDALTVGKNEEDAKKYFLDQIEVCRDKGWTVQFNWFLHLVLGIKQGEKHSA
;
_entity_poly.pdbx_strand_id   A
#
loop_
_chem_comp.id
_chem_comp.type
_chem_comp.name
_chem_comp.formula
0U0 non-polymer 3-[2-methyl-6-(pyrazin-2-ylamino)pyrimidin-4-yl]-N-(1H-pyrazol-3-yl)imidazo[1,2-b]pyridazin-2-amine 'C18 H15 N11'
SO4 non-polymer 'SULFATE ION' 'O4 S -2'
#
# COMPACT_ATOMS: atom_id res chain seq x y z
N GLU A 3 1.33 -21.08 -31.64
CA GLU A 3 2.76 -20.94 -32.02
C GLU A 3 3.28 -19.54 -31.68
N GLU A 4 2.60 -18.52 -32.17
CA GLU A 4 2.93 -17.14 -31.88
C GLU A 4 2.10 -16.66 -30.69
N SER A 5 0.88 -17.18 -30.59
CA SER A 5 -0.03 -16.90 -29.49
C SER A 5 0.45 -17.60 -28.21
N GLN A 6 0.94 -18.83 -28.37
CA GLN A 6 1.44 -19.63 -27.25
C GLN A 6 2.78 -19.11 -26.72
N ALA A 7 3.55 -18.46 -27.58
CA ALA A 7 4.83 -17.85 -27.19
C ALA A 7 4.62 -16.53 -26.46
N PHE A 8 3.52 -15.84 -26.81
CA PHE A 8 3.12 -14.59 -26.16
C PHE A 8 2.62 -14.87 -24.73
N GLN A 9 2.00 -16.03 -24.55
CA GLN A 9 1.51 -16.46 -23.24
C GLN A 9 2.67 -16.76 -22.28
N ARG A 10 3.76 -17.30 -22.82
CA ARG A 10 4.97 -17.55 -22.04
C ARG A 10 5.64 -16.24 -21.62
N GLN A 11 5.55 -15.23 -22.47
CA GLN A 11 6.05 -13.89 -22.15
C GLN A 11 5.26 -13.31 -20.98
N LEU A 12 3.94 -13.43 -21.03
CA LEU A 12 3.06 -12.97 -19.96
C LEU A 12 3.33 -13.73 -18.66
N THR A 13 3.50 -15.05 -18.76
CA THR A 13 3.83 -15.90 -17.61
C THR A 13 5.16 -15.48 -16.96
N ALA A 14 6.11 -15.05 -17.79
CA ALA A 14 7.39 -14.56 -17.32
C ALA A 14 7.29 -13.17 -16.68
N LEU A 15 6.32 -12.37 -17.16
CA LEU A 15 6.07 -11.05 -16.59
C LEU A 15 5.26 -11.14 -15.29
N ILE A 16 4.29 -12.04 -15.28
CA ILE A 16 3.40 -12.24 -14.13
C ILE A 16 4.12 -12.99 -13.00
N GLY A 17 4.83 -14.05 -13.37
CA GLY A 17 5.48 -14.93 -12.39
C GLY A 17 4.57 -16.07 -11.99
N TYR A 18 3.42 -16.18 -12.67
CA TYR A 18 2.48 -17.27 -12.45
C TYR A 18 1.74 -17.61 -13.75
N ASP A 19 1.58 -18.90 -14.01
CA ASP A 19 0.86 -19.38 -15.20
C ASP A 19 -0.64 -19.39 -14.97
N VAL A 20 -1.33 -18.43 -15.60
CA VAL A 20 -2.79 -18.30 -15.47
C VAL A 20 -3.56 -19.43 -16.16
N THR A 21 -2.90 -20.13 -17.08
CA THR A 21 -3.53 -21.21 -17.83
C THR A 21 -3.54 -22.53 -17.06
N ASP A 22 -2.78 -22.57 -15.97
CA ASP A 22 -2.71 -23.72 -15.07
C ASP A 22 -4.10 -24.06 -14.52
N VAL A 23 -4.43 -25.35 -14.53
CA VAL A 23 -5.73 -25.81 -14.05
C VAL A 23 -5.59 -26.98 -13.06
N SER A 24 -4.39 -27.14 -12.51
CA SER A 24 -4.11 -28.18 -11.53
C SER A 24 -4.66 -27.83 -10.14
N ASN A 25 -4.84 -26.54 -9.89
CA ASN A 25 -5.33 -26.06 -8.59
C ASN A 25 -6.67 -25.31 -8.69
N VAL A 26 -7.66 -25.97 -9.28
CA VAL A 26 -9.04 -25.45 -9.35
C VAL A 26 -10.06 -26.57 -9.19
N HIS A 27 -11.26 -26.23 -8.72
CA HIS A 27 -12.38 -27.16 -8.63
C HIS A 27 -13.56 -26.66 -9.42
N ASP A 28 -13.38 -25.49 -10.04
CA ASP A 28 -14.37 -24.90 -10.93
C ASP A 28 -13.65 -24.08 -11.99
N ASP A 29 -14.41 -23.26 -12.73
CA ASP A 29 -13.82 -22.46 -13.81
C ASP A 29 -13.89 -20.95 -13.56
N GLU A 30 -13.96 -20.57 -12.29
CA GLU A 30 -14.10 -19.17 -11.89
C GLU A 30 -13.01 -18.27 -12.47
N LEU A 31 -11.75 -18.69 -12.33
CA LEU A 31 -10.61 -17.93 -12.81
C LEU A 31 -10.65 -17.77 -14.34
N GLU A 32 -10.98 -18.85 -15.04
CA GLU A 32 -11.09 -18.85 -16.50
C GLU A 32 -12.27 -18.01 -16.97
N PHE A 33 -13.35 -18.05 -16.18
CA PHE A 33 -14.53 -17.22 -16.41
C PHE A 33 -14.20 -15.74 -16.20
N THR A 34 -13.32 -15.47 -15.24
CA THR A 34 -12.89 -14.10 -14.94
C THR A 34 -11.94 -13.57 -16.01
N ARG A 35 -11.01 -14.40 -16.45
CA ARG A 35 -10.13 -14.08 -17.58
C ARG A 35 -10.96 -13.63 -18.77
N ARG A 36 -11.93 -14.46 -19.15
CA ARG A 36 -12.84 -14.17 -20.27
C ARG A 36 -13.73 -12.95 -19.98
N GLY A 37 -14.18 -12.83 -18.74
CA GLY A 37 -15.07 -11.74 -18.34
C GLY A 37 -14.42 -10.37 -18.34
N LEU A 38 -13.10 -10.32 -18.22
CA LEU A 38 -12.36 -9.06 -18.16
C LEU A 38 -11.92 -8.53 -19.53
N VAL A 39 -12.12 -9.33 -20.57
CA VAL A 39 -11.78 -8.93 -21.95
C VAL A 39 -12.52 -7.65 -22.36
N THR A 40 -13.83 -7.62 -22.08
CA THR A 40 -14.66 -6.45 -22.36
C THR A 40 -14.17 -5.15 -21.69
N PRO A 41 -14.10 -5.12 -20.33
CA PRO A 41 -13.64 -3.90 -19.66
C PRO A 41 -12.23 -3.48 -20.06
N ARG A 42 -11.40 -4.43 -20.48
CA ARG A 42 -10.06 -4.13 -20.98
C ARG A 42 -10.15 -3.43 -22.33
N MET A 43 -10.83 -4.08 -23.29
CA MET A 43 -10.98 -3.54 -24.63
C MET A 43 -11.70 -2.20 -24.63
N ALA A 44 -12.67 -2.04 -23.73
CA ALA A 44 -13.46 -0.81 -23.62
C ALA A 44 -12.62 0.41 -23.23
N GLU A 45 -11.65 0.21 -22.35
CA GLU A 45 -10.77 1.30 -21.92
C GLU A 45 -9.66 1.59 -22.93
N VAL A 46 -9.10 0.53 -23.50
CA VAL A 46 -8.06 0.65 -24.54
C VAL A 46 -8.57 1.44 -25.74
N ALA A 47 -9.84 1.21 -26.08
CA ALA A 47 -10.49 1.93 -27.18
C ALA A 47 -10.77 3.40 -26.84
N SER A 48 -11.17 3.66 -25.59
CA SER A 48 -11.64 4.99 -25.19
C SER A 48 -10.55 6.00 -24.79
N ARG A 49 -9.34 5.51 -24.51
CA ARG A 49 -8.25 6.37 -24.06
C ARG A 49 -7.63 7.19 -25.20
N ASP A 50 -7.28 8.44 -24.90
CA ASP A 50 -6.65 9.33 -25.87
C ASP A 50 -5.20 8.91 -26.09
N PRO A 51 -4.86 8.48 -27.31
CA PRO A 51 -3.53 7.94 -27.63
C PRO A 51 -2.38 8.84 -27.20
N LYS A 52 -2.47 10.12 -27.54
CA LYS A 52 -1.39 11.10 -27.28
C LYS A 52 -1.17 11.36 -25.81
N LEU A 53 -2.26 11.56 -25.06
CA LEU A 53 -2.18 11.80 -23.62
C LEU A 53 -1.77 10.54 -22.85
N TYR A 54 -2.15 9.37 -23.36
CA TYR A 54 -1.72 8.10 -22.77
C TYR A 54 -0.24 7.87 -22.96
N ALA A 55 0.30 8.31 -24.09
CA ALA A 55 1.73 8.17 -24.38
C ALA A 55 2.58 9.06 -23.49
N MET A 56 2.16 10.31 -23.32
CA MET A 56 2.92 11.30 -22.55
C MET A 56 2.62 11.27 -21.06
N HIS A 57 1.53 10.60 -20.69
CA HIS A 57 1.12 10.41 -19.29
C HIS A 57 1.36 11.58 -18.36
N PRO A 58 0.79 12.76 -18.67
CA PRO A 58 1.03 13.91 -17.79
C PRO A 58 0.56 13.62 -16.36
N TRP A 59 1.41 13.96 -15.38
CA TRP A 59 1.09 13.73 -13.97
C TRP A 59 0.66 15.02 -13.34
N VAL A 60 -0.65 15.15 -13.13
CA VAL A 60 -1.24 16.41 -12.70
C VAL A 60 -2.13 16.26 -11.46
N THR A 61 -2.40 17.39 -10.81
CA THR A 61 -3.35 17.47 -9.70
C THR A 61 -4.29 18.66 -9.90
N SER A 62 -5.53 18.52 -9.43
CA SER A 62 -6.51 19.59 -9.51
C SER A 62 -6.68 20.28 -8.16
N LYS A 63 -5.90 19.85 -7.18
CA LYS A 63 -5.91 20.43 -5.84
C LYS A 63 -5.29 21.82 -5.84
N PRO A 64 -5.73 22.69 -4.91
CA PRO A 64 -5.12 24.02 -4.78
C PRO A 64 -3.67 23.94 -4.30
N LEU A 65 -2.85 24.86 -4.80
CA LEU A 65 -1.46 24.97 -4.36
C LEU A 65 -1.42 25.42 -2.91
N PRO A 66 -0.68 24.70 -2.05
CA PRO A 66 -0.60 25.02 -0.62
C PRO A 66 0.06 26.37 -0.34
N GLU A 67 -0.20 26.91 0.85
CA GLU A 67 0.24 28.27 1.21
C GLU A 67 1.76 28.44 1.25
N TYR A 68 2.48 27.41 1.68
CA TYR A 68 3.94 27.47 1.76
C TYR A 68 4.61 27.55 0.40
N LEU A 69 3.97 26.99 -0.63
CA LEU A 69 4.47 27.06 -2.00
C LEU A 69 4.20 28.43 -2.64
N TRP A 70 3.07 29.05 -2.28
CA TRP A 70 2.74 30.39 -2.76
C TRP A 70 3.66 31.43 -2.18
N LYS A 71 4.21 31.15 -1.00
CA LYS A 71 5.18 32.03 -0.36
C LYS A 71 6.55 31.97 -1.03
N LYS A 72 6.82 30.87 -1.74
CA LYS A 72 8.10 30.67 -2.44
C LYS A 72 8.10 31.18 -3.88
N ILE A 73 6.98 31.77 -4.31
CA ILE A 73 6.90 32.38 -5.64
C ILE A 73 6.55 33.88 -5.55
N ALA A 74 7.44 34.70 -6.09
CA ALA A 74 7.30 36.16 -6.02
C ALA A 74 6.98 36.77 -7.39
N ASN A 75 6.31 37.94 -7.35
CA ASN A 75 5.89 38.67 -8.56
C ASN A 75 4.99 37.87 -9.50
N ASN A 76 4.24 36.92 -8.94
CA ASN A 76 3.35 36.03 -9.70
C ASN A 76 4.06 35.46 -10.94
N CYS A 77 5.31 35.04 -10.76
CA CYS A 77 6.18 34.64 -11.85
C CYS A 77 7.02 33.42 -11.48
N ILE A 78 6.96 32.40 -12.33
CA ILE A 78 7.79 31.21 -12.20
C ILE A 78 8.71 31.08 -13.40
N PHE A 79 9.97 30.73 -13.14
CA PHE A 79 10.98 30.63 -14.19
C PHE A 79 11.16 29.19 -14.67
N ILE A 80 11.27 29.03 -15.99
CA ILE A 80 11.48 27.72 -16.61
C ILE A 80 12.61 27.81 -17.63
N VAL A 81 13.64 26.99 -17.46
CA VAL A 81 14.77 26.94 -18.38
C VAL A 81 14.48 25.91 -19.47
N ILE A 82 14.41 26.38 -20.71
CA ILE A 82 14.09 25.51 -21.85
C ILE A 82 15.35 25.18 -22.64
N HIS A 83 15.61 23.88 -22.80
CA HIS A 83 16.81 23.39 -23.46
C HIS A 83 16.54 22.86 -24.84
N ARG A 84 17.53 23.01 -25.72
CA ARG A 84 17.48 22.44 -27.07
C ARG A 84 18.90 22.26 -27.60
N SER A 85 19.32 20.99 -27.72
CA SER A 85 20.66 20.61 -28.18
C SER A 85 21.79 21.19 -27.33
N THR A 86 22.19 22.42 -27.61
CA THR A 86 23.33 23.05 -26.94
C THR A 86 23.04 24.48 -26.42
N THR A 87 21.78 24.90 -26.54
CA THR A 87 21.37 26.23 -26.08
C THR A 87 20.15 26.17 -25.17
N SER A 88 20.15 27.02 -24.14
CA SER A 88 19.05 27.09 -23.17
C SER A 88 18.70 28.52 -22.78
N GLN A 89 17.41 28.80 -22.70
CA GLN A 89 16.92 30.14 -22.35
C GLN A 89 15.88 30.09 -21.22
N THR A 90 15.88 31.14 -20.40
CA THR A 90 14.95 31.27 -19.28
C THR A 90 13.75 32.13 -19.67
N ILE A 91 12.54 31.62 -19.43
CA ILE A 91 11.31 32.34 -19.76
C ILE A 91 10.44 32.59 -18.53
N LYS A 92 9.99 33.84 -18.38
CA LYS A 92 9.07 34.21 -17.30
C LYS A 92 7.67 33.70 -17.61
N VAL A 93 7.16 32.82 -16.75
CA VAL A 93 5.88 32.15 -16.96
C VAL A 93 4.96 32.39 -15.76
N SER A 94 3.70 32.74 -16.04
CA SER A 94 2.69 32.91 -15.00
C SER A 94 2.19 31.53 -14.54
N PRO A 95 1.82 31.40 -13.25
CA PRO A 95 1.37 30.12 -12.70
C PRO A 95 0.19 29.48 -13.44
N ASP A 96 -0.57 30.30 -14.18
CA ASP A 96 -1.76 29.84 -14.87
C ASP A 96 -1.52 29.39 -16.31
N ASP A 97 -0.31 29.60 -16.81
CA ASP A 97 0.02 29.32 -18.22
C ASP A 97 0.01 27.84 -18.58
N THR A 98 -0.63 27.53 -19.69
CA THR A 98 -0.69 26.17 -20.23
C THR A 98 0.52 25.92 -21.14
N PRO A 99 1.14 24.73 -21.04
CA PRO A 99 2.25 24.31 -21.91
C PRO A 99 2.04 24.61 -23.40
N GLY A 100 0.80 24.58 -23.86
CA GLY A 100 0.46 24.94 -25.24
C GLY A 100 0.69 26.41 -25.53
N ALA A 101 0.40 27.25 -24.54
CA ALA A 101 0.59 28.70 -24.66
C ALA A 101 2.05 29.13 -24.44
N ILE A 102 2.75 28.41 -23.56
CA ILE A 102 4.16 28.67 -23.26
C ILE A 102 5.06 28.33 -24.46
N LEU A 103 4.67 27.29 -25.19
CA LEU A 103 5.40 26.84 -26.37
C LEU A 103 5.28 27.83 -27.53
N GLN A 104 4.18 28.59 -27.55
CA GLN A 104 3.98 29.66 -28.52
C GLN A 104 4.89 30.86 -28.23
N SER A 105 5.24 31.05 -26.96
CA SER A 105 6.20 32.07 -26.55
C SER A 105 7.60 31.70 -27.02
N PHE A 106 7.91 30.40 -26.97
CA PHE A 106 9.16 29.89 -27.53
C PHE A 106 8.95 29.52 -29.01
N PHE A 107 8.35 30.48 -29.74
CA PHE A 107 8.10 30.36 -31.17
C PHE A 107 8.00 31.76 -31.75
N THR A 108 7.61 32.71 -30.90
CA THR A 108 7.55 34.12 -31.26
C THR A 108 8.83 34.84 -30.84
N LYS A 109 9.34 34.51 -29.66
CA LYS A 109 10.54 35.14 -29.11
C LYS A 109 11.85 34.52 -29.63
N MET A 110 11.72 33.47 -30.45
CA MET A 110 12.86 32.76 -31.05
C MET A 110 13.86 32.24 -30.03
N ASP A 127 4.37 20.51 -34.29
CA ASP A 127 4.71 21.12 -33.00
C ASP A 127 5.52 20.19 -32.11
N PHE A 128 6.38 20.78 -31.28
CA PHE A 128 7.22 20.04 -30.35
C PHE A 128 6.54 19.90 -28.99
N VAL A 129 7.24 19.28 -28.03
CA VAL A 129 6.69 19.02 -26.70
C VAL A 129 7.73 19.28 -25.60
N LEU A 130 7.24 19.67 -24.42
CA LEU A 130 8.11 19.98 -23.27
C LEU A 130 8.30 18.78 -22.36
N ARG A 131 9.50 18.19 -22.39
CA ARG A 131 9.83 17.05 -21.54
C ARG A 131 10.85 17.45 -20.48
N VAL A 132 10.61 16.99 -19.25
CA VAL A 132 11.53 17.26 -18.14
C VAL A 132 12.92 16.69 -18.43
N CYS A 133 13.96 17.45 -18.07
CA CYS A 133 15.34 17.07 -18.32
C CYS A 133 15.77 15.85 -17.51
N GLY A 134 16.20 14.81 -18.21
CA GLY A 134 16.72 13.58 -17.59
C GLY A 134 15.65 12.64 -17.08
N ARG A 135 14.41 12.87 -17.48
CA ARG A 135 13.28 12.05 -17.03
C ARG A 135 12.29 11.79 -18.16
N ASP A 136 11.61 10.64 -18.09
CA ASP A 136 10.48 10.35 -18.95
C ASP A 136 9.22 10.94 -18.32
N GLU A 137 9.17 12.28 -18.30
CA GLU A 137 8.07 13.03 -17.71
C GLU A 137 7.79 14.23 -18.59
N TYR A 138 6.55 14.35 -19.04
CA TYR A 138 6.16 15.41 -19.98
C TYR A 138 5.25 16.43 -19.34
N LEU A 139 5.39 17.69 -19.75
CA LEU A 139 4.50 18.76 -19.32
C LEU A 139 3.61 19.19 -20.49
N VAL A 140 2.50 18.48 -20.67
CA VAL A 140 1.58 18.73 -21.78
C VAL A 140 0.12 18.68 -21.35
N GLY A 141 -0.78 19.04 -22.27
CA GLY A 141 -2.21 18.99 -22.02
C GLY A 141 -2.75 20.27 -21.40
N GLU A 142 -4.08 20.41 -21.40
CA GLU A 142 -4.74 21.61 -20.89
C GLU A 142 -4.74 21.66 -19.37
N THR A 143 -3.58 21.98 -18.80
CA THR A 143 -3.40 22.10 -17.36
C THR A 143 -2.46 23.28 -17.10
N PRO A 144 -2.81 24.15 -16.14
CA PRO A 144 -1.87 25.20 -15.73
C PRO A 144 -0.64 24.59 -15.07
N ILE A 145 0.54 25.16 -15.34
CA ILE A 145 1.82 24.58 -14.88
C ILE A 145 1.95 24.44 -13.37
N LYS A 146 1.23 25.27 -12.62
CA LYS A 146 1.16 25.16 -11.17
C LYS A 146 0.56 23.81 -10.75
N ASN A 147 -0.23 23.20 -11.64
CA ASN A 147 -0.92 21.95 -11.36
C ASN A 147 -0.19 20.69 -11.85
N PHE A 148 1.04 20.86 -12.33
CA PHE A 148 1.92 19.73 -12.65
C PHE A 148 2.74 19.37 -11.41
N GLN A 149 2.80 18.06 -11.13
CA GLN A 149 3.44 17.58 -9.90
C GLN A 149 4.93 17.88 -9.80
N TRP A 150 5.63 17.72 -10.93
CA TRP A 150 7.06 17.97 -10.98
C TRP A 150 7.39 19.40 -10.63
N VAL A 151 6.59 20.33 -11.17
CA VAL A 151 6.73 21.75 -10.86
C VAL A 151 6.58 21.97 -9.36
N ARG A 152 5.54 21.37 -8.77
CA ARG A 152 5.29 21.47 -7.33
C ARG A 152 6.44 20.87 -6.52
N HIS A 153 7.04 19.80 -7.05
CA HIS A 153 8.19 19.16 -6.42
C HIS A 153 9.41 20.05 -6.42
N CYS A 154 9.64 20.73 -7.54
CA CYS A 154 10.76 21.65 -7.69
C CYS A 154 10.65 22.83 -6.73
N LEU A 155 9.44 23.37 -6.61
CA LEU A 155 9.16 24.48 -5.71
C LEU A 155 9.33 24.08 -4.24
N LYS A 156 8.98 22.84 -3.94
CA LYS A 156 9.10 22.29 -2.58
C LYS A 156 10.54 22.32 -2.08
N ASN A 157 11.46 21.88 -2.94
CA ASN A 157 12.88 21.79 -2.59
C ASN A 157 13.68 23.02 -2.98
N GLY A 158 13.05 23.92 -3.73
CA GLY A 158 13.70 25.13 -4.21
C GLY A 158 14.67 24.84 -5.34
N GLU A 159 14.14 24.30 -6.43
CA GLU A 159 14.94 23.94 -7.59
C GLU A 159 14.36 24.54 -8.86
N GLU A 160 15.25 24.95 -9.76
CA GLU A 160 14.85 25.50 -11.06
C GLU A 160 14.37 24.41 -12.01
N ILE A 161 13.25 24.68 -12.67
CA ILE A 161 12.63 23.71 -13.58
C ILE A 161 13.35 23.68 -14.93
N HIS A 162 14.05 22.58 -15.19
CA HIS A 162 14.74 22.39 -16.46
C HIS A 162 13.95 21.48 -17.35
N VAL A 163 13.66 21.98 -18.56
CA VAL A 163 12.83 21.26 -19.52
C VAL A 163 13.51 21.24 -20.89
N VAL A 164 13.20 20.24 -21.70
CA VAL A 164 13.78 20.13 -23.05
C VAL A 164 12.69 20.15 -24.12
N LEU A 165 13.00 20.77 -25.26
CA LEU A 165 12.08 20.86 -26.38
C LEU A 165 12.38 19.76 -27.40
N ASP A 166 11.62 18.67 -27.33
CA ASP A 166 11.79 17.55 -28.27
C ASP A 166 10.46 16.99 -28.81
N THR A 167 10.57 16.07 -29.76
CA THR A 167 9.43 15.49 -30.47
C THR A 167 8.60 14.60 -29.55
N PRO A 168 7.25 14.65 -29.66
CA PRO A 168 6.38 13.77 -28.88
C PRO A 168 6.56 12.30 -29.27
N PRO A 169 6.45 11.37 -28.29
CA PRO A 169 6.53 9.93 -28.58
C PRO A 169 5.33 9.43 -29.38
N ASP A 170 5.60 8.54 -30.34
CA ASP A 170 4.58 8.00 -31.25
C ASP A 170 3.63 7.04 -30.52
N PRO A 171 2.32 7.35 -30.55
CA PRO A 171 1.28 6.49 -29.95
C PRO A 171 1.19 5.08 -30.55
N ALA A 172 1.82 4.88 -31.71
CA ALA A 172 1.87 3.57 -32.35
C ALA A 172 2.70 2.56 -31.55
N LEU A 173 3.54 3.08 -30.66
CA LEU A 173 4.37 2.24 -29.79
C LEU A 173 3.54 1.55 -28.71
N ASP A 174 2.38 2.13 -28.38
CA ASP A 174 1.43 1.54 -27.44
C ASP A 174 0.49 0.55 -28.12
N GLU A 175 0.98 -0.10 -29.17
CA GLU A 175 0.23 -1.09 -29.94
C GLU A 175 -0.28 -2.21 -29.04
N VAL A 176 -1.53 -2.60 -29.24
CA VAL A 176 -2.13 -3.71 -28.50
C VAL A 176 -2.42 -4.85 -29.48
N ARG A 177 -1.94 -6.04 -29.14
CA ARG A 177 -2.11 -7.23 -29.97
C ARG A 177 -3.58 -7.62 -30.10
N LYS A 178 -3.99 -7.90 -31.33
CA LYS A 178 -5.37 -8.30 -31.64
C LYS A 178 -5.66 -9.73 -31.20
N GLU A 179 -6.93 -10.01 -30.92
CA GLU A 179 -7.36 -11.34 -30.47
C GLU A 179 -8.40 -11.94 -31.41
N CYS A 215 -38.17 -23.67 -2.86
CA CYS A 215 -36.91 -24.22 -2.39
C CYS A 215 -36.75 -23.96 -0.89
N ASP A 216 -37.59 -24.62 -0.11
CA ASP A 216 -37.65 -24.42 1.34
C ASP A 216 -36.80 -25.40 2.14
N ARG A 217 -36.05 -26.26 1.43
CA ARG A 217 -35.20 -27.26 2.06
C ARG A 217 -34.06 -26.61 2.86
N LYS A 218 -33.68 -27.24 3.96
CA LYS A 218 -32.57 -26.78 4.77
C LYS A 218 -31.24 -27.19 4.14
N PHE A 219 -30.24 -26.31 4.22
CA PHE A 219 -28.92 -26.60 3.69
C PHE A 219 -28.22 -27.68 4.51
N ARG A 220 -27.52 -28.58 3.80
CA ARG A 220 -26.74 -29.62 4.45
C ARG A 220 -25.49 -29.99 3.65
N VAL A 221 -24.44 -30.40 4.37
CA VAL A 221 -23.20 -30.84 3.74
C VAL A 221 -22.71 -32.14 4.35
N LYS A 222 -22.35 -33.09 3.50
CA LYS A 222 -21.80 -34.36 3.95
C LYS A 222 -20.30 -34.24 4.13
N ILE A 223 -19.83 -34.55 5.33
CA ILE A 223 -18.40 -34.59 5.62
C ILE A 223 -17.95 -36.04 5.52
N ARG A 224 -17.17 -36.34 4.49
CA ARG A 224 -16.70 -37.69 4.24
C ARG A 224 -15.49 -38.03 5.11
N GLY A 225 -14.49 -37.15 5.11
CA GLY A 225 -13.31 -37.35 5.93
C GLY A 225 -12.11 -36.50 5.58
N ILE A 226 -11.07 -36.63 6.41
CA ILE A 226 -9.83 -35.88 6.25
C ILE A 226 -8.64 -36.82 6.23
N ASP A 227 -7.55 -36.39 5.59
CA ASP A 227 -6.33 -37.21 5.51
C ASP A 227 -5.04 -36.40 5.31
N ILE A 228 -4.02 -36.76 6.08
CA ILE A 228 -2.70 -36.13 6.02
C ILE A 228 -1.62 -37.22 5.85
N PRO A 229 -0.72 -37.05 4.87
CA PRO A 229 0.37 -38.01 4.66
C PRO A 229 1.32 -38.13 5.87
N VAL A 230 1.79 -37.00 6.37
CA VAL A 230 2.68 -36.98 7.55
C VAL A 230 2.16 -36.00 8.61
N LEU A 231 1.81 -36.54 9.78
CA LEU A 231 1.30 -35.75 10.90
C LEU A 231 2.42 -35.36 11.85
N ASP A 236 -1.38 -39.22 20.56
CA ASP A 236 -2.70 -39.81 20.44
C ASP A 236 -3.82 -38.81 20.77
N LEU A 237 -3.75 -37.63 20.14
CA LEU A 237 -4.78 -36.61 20.31
C LEU A 237 -6.01 -36.89 19.44
N THR A 238 -7.15 -36.33 19.85
CA THR A 238 -8.39 -36.44 19.08
C THR A 238 -8.56 -35.23 18.15
N VAL A 239 -9.49 -35.33 17.19
CA VAL A 239 -9.68 -34.28 16.19
C VAL A 239 -11.15 -34.16 15.75
N PHE A 240 -11.57 -32.95 15.41
CA PHE A 240 -12.93 -32.71 14.89
C PHE A 240 -13.00 -31.63 13.79
N VAL A 241 -14.07 -31.69 13.01
CA VAL A 241 -14.27 -30.79 11.87
C VAL A 241 -15.42 -29.82 12.14
N GLU A 242 -15.14 -28.53 11.94
CA GLU A 242 -16.13 -27.47 12.13
C GLU A 242 -16.57 -26.92 10.77
N ALA A 243 -17.89 -26.78 10.59
CA ALA A 243 -18.44 -26.27 9.34
C ALA A 243 -19.26 -25.01 9.60
N ASN A 244 -18.85 -23.90 8.96
CA ASN A 244 -19.48 -22.60 9.18
C ASN A 244 -20.04 -22.02 7.88
N ILE A 245 -21.22 -21.40 7.99
CA ILE A 245 -21.76 -20.62 6.88
C ILE A 245 -21.46 -19.15 7.17
N GLN A 246 -20.43 -18.62 6.50
CA GLN A 246 -19.96 -17.26 6.73
C GLN A 246 -20.46 -16.28 5.68
N HIS A 247 -20.76 -15.06 6.13
CA HIS A 247 -21.07 -13.96 5.24
C HIS A 247 -20.52 -12.70 5.83
N GLY A 248 -19.39 -12.25 5.31
CA GLY A 248 -18.71 -11.04 5.79
C GLY A 248 -18.19 -11.16 7.20
N GLN A 249 -17.39 -12.21 7.45
CA GLN A 249 -16.81 -12.51 8.77
C GLN A 249 -17.85 -13.01 9.79
N GLN A 250 -19.11 -12.60 9.61
CA GLN A 250 -20.19 -12.98 10.51
C GLN A 250 -20.65 -14.41 10.24
N VAL A 251 -20.70 -15.22 11.29
CA VAL A 251 -21.14 -16.61 11.18
C VAL A 251 -22.67 -16.68 11.25
N LEU A 252 -23.29 -17.18 10.19
CA LEU A 252 -24.75 -17.30 10.13
C LEU A 252 -25.21 -18.57 10.84
N CYS A 253 -24.50 -19.67 10.60
CA CYS A 253 -24.86 -20.97 11.16
C CYS A 253 -23.61 -21.84 11.34
N GLN A 254 -23.57 -22.61 12.42
CA GLN A 254 -22.42 -23.44 12.75
C GLN A 254 -22.81 -24.88 13.11
N ARG A 255 -22.05 -25.84 12.57
CA ARG A 255 -22.22 -27.25 12.89
C ARG A 255 -20.88 -27.97 13.06
N ARG A 256 -20.81 -28.87 14.03
CA ARG A 256 -19.60 -29.64 14.33
C ARG A 256 -19.79 -31.14 14.13
N THR A 257 -18.67 -31.87 14.06
CA THR A 257 -18.68 -33.32 14.03
C THR A 257 -18.16 -33.89 15.36
N SER A 258 -18.37 -35.19 15.56
CA SER A 258 -17.89 -35.88 16.76
C SER A 258 -16.37 -36.06 16.72
N PRO A 259 -15.68 -35.85 17.86
CA PRO A 259 -14.23 -36.00 17.92
C PRO A 259 -13.77 -37.45 17.71
N LYS A 260 -12.86 -37.64 16.75
CA LYS A 260 -12.29 -38.95 16.44
C LYS A 260 -10.78 -38.93 16.60
N PRO A 261 -10.15 -40.10 16.86
CA PRO A 261 -8.69 -40.18 16.99
C PRO A 261 -7.96 -39.69 15.75
N PHE A 262 -7.03 -38.75 15.94
CA PHE A 262 -6.28 -38.14 14.84
C PHE A 262 -5.23 -39.10 14.29
N THR A 263 -5.45 -39.51 13.05
CA THR A 263 -4.56 -40.42 12.34
C THR A 263 -4.21 -39.87 10.96
N GLU A 264 -3.57 -40.70 10.13
CA GLU A 264 -3.24 -40.33 8.74
C GLU A 264 -4.50 -40.21 7.88
N GLU A 265 -5.58 -40.84 8.32
CA GLU A 265 -6.87 -40.79 7.63
C GLU A 265 -8.00 -40.93 8.66
N VAL A 266 -8.95 -40.00 8.60
CA VAL A 266 -10.13 -40.03 9.48
C VAL A 266 -11.39 -39.92 8.64
N LEU A 267 -12.34 -40.83 8.87
CA LEU A 267 -13.58 -40.88 8.09
C LEU A 267 -14.82 -40.75 8.96
N TRP A 268 -15.75 -39.90 8.52
CA TRP A 268 -16.99 -39.64 9.26
C TRP A 268 -18.22 -40.12 8.55
N ASN A 269 -18.33 -39.76 7.27
CA ASN A 269 -19.52 -40.00 6.45
C ASN A 269 -20.81 -39.48 7.12
N VAL A 270 -20.73 -38.25 7.63
CA VAL A 270 -21.81 -37.64 8.41
C VAL A 270 -22.46 -36.48 7.66
N TRP A 271 -23.79 -36.51 7.59
CA TRP A 271 -24.56 -35.37 7.09
C TRP A 271 -24.65 -34.30 8.14
N LEU A 272 -24.14 -33.12 7.82
CA LEU A 272 -24.25 -31.97 8.72
C LEU A 272 -25.38 -31.04 8.26
N GLU A 273 -26.54 -31.19 8.89
CA GLU A 273 -27.71 -30.39 8.56
C GLU A 273 -27.66 -29.04 9.27
N PHE A 274 -27.79 -27.98 8.49
CA PHE A 274 -27.77 -26.61 9.01
C PHE A 274 -29.18 -26.08 9.24
N SER A 275 -29.29 -25.04 10.09
CA SER A 275 -30.57 -24.42 10.39
C SER A 275 -31.04 -23.51 9.26
N ILE A 276 -30.09 -22.83 8.61
CA ILE A 276 -30.37 -21.94 7.50
C ILE A 276 -30.85 -22.71 6.26
N LYS A 277 -31.93 -22.24 5.65
CA LYS A 277 -32.51 -22.86 4.46
C LYS A 277 -31.71 -22.53 3.20
N ILE A 278 -31.98 -23.27 2.12
CA ILE A 278 -31.32 -23.05 0.82
C ILE A 278 -31.61 -21.67 0.26
N LYS A 279 -32.90 -21.28 0.24
CA LYS A 279 -33.31 -19.98 -0.30
C LYS A 279 -32.78 -18.80 0.51
N ASP A 280 -32.50 -19.03 1.79
CA ASP A 280 -31.99 -18.00 2.69
C ASP A 280 -30.49 -17.74 2.51
N LEU A 281 -29.86 -18.53 1.63
CA LEU A 281 -28.44 -18.33 1.32
C LEU A 281 -28.21 -17.13 0.40
N PRO A 282 -27.35 -16.19 0.84
CA PRO A 282 -27.01 -15.01 0.05
C PRO A 282 -25.80 -15.24 -0.84
N LYS A 283 -25.69 -14.46 -1.91
CA LYS A 283 -24.54 -14.57 -2.81
C LYS A 283 -23.27 -14.07 -2.12
N GLY A 284 -22.20 -14.84 -2.24
CA GLY A 284 -20.94 -14.51 -1.60
C GLY A 284 -20.78 -15.14 -0.22
N ALA A 285 -21.69 -16.04 0.12
CA ALA A 285 -21.61 -16.81 1.36
C ALA A 285 -20.55 -17.90 1.23
N LEU A 286 -19.78 -18.09 2.30
CA LEU A 286 -18.70 -19.08 2.32
C LEU A 286 -19.01 -20.27 3.21
N LEU A 287 -18.64 -21.45 2.75
CA LEU A 287 -18.61 -22.64 3.59
C LEU A 287 -17.20 -22.75 4.15
N ASN A 288 -17.04 -22.33 5.41
CA ASN A 288 -15.75 -22.40 6.09
C ASN A 288 -15.58 -23.74 6.79
N LEU A 289 -14.60 -24.51 6.34
CA LEU A 289 -14.29 -25.79 6.96
C LEU A 289 -12.98 -25.69 7.73
N GLN A 290 -13.04 -26.01 9.02
CA GLN A 290 -11.89 -25.88 9.91
C GLN A 290 -11.63 -27.16 10.72
N ILE A 291 -10.36 -27.43 11.01
CA ILE A 291 -9.95 -28.62 11.76
C ILE A 291 -9.26 -28.28 13.07
N TYR A 292 -9.91 -28.66 14.17
CA TYR A 292 -9.38 -28.45 15.52
C TYR A 292 -8.93 -29.77 16.13
N CYS A 293 -7.79 -29.76 16.81
CA CYS A 293 -7.25 -30.96 17.45
C CYS A 293 -7.84 -31.15 18.85
N VAL A 316 -8.00 -27.14 22.96
CA VAL A 316 -8.27 -27.32 21.53
C VAL A 316 -7.68 -26.18 20.71
N GLN A 317 -6.96 -26.53 19.65
CA GLN A 317 -6.34 -25.54 18.76
C GLN A 317 -6.65 -25.83 17.29
N LEU A 318 -6.88 -24.76 16.53
CA LEU A 318 -7.11 -24.84 15.10
C LEU A 318 -5.82 -25.18 14.35
N LEU A 319 -5.94 -26.00 13.31
CA LEU A 319 -4.78 -26.44 12.53
C LEU A 319 -4.92 -26.21 11.03
N TYR A 320 -6.09 -26.54 10.48
CA TYR A 320 -6.31 -26.44 9.04
C TYR A 320 -7.63 -25.77 8.72
N TYR A 321 -7.63 -24.97 7.64
CA TYR A 321 -8.84 -24.30 7.18
C TYR A 321 -8.92 -24.28 5.65
N VAL A 322 -10.15 -24.23 5.14
CA VAL A 322 -10.39 -24.08 3.71
C VAL A 322 -11.81 -23.52 3.49
N ASN A 323 -12.00 -22.83 2.38
CA ASN A 323 -13.27 -22.19 2.08
C ASN A 323 -13.88 -22.62 0.76
N LEU A 324 -15.20 -22.51 0.66
CA LEU A 324 -15.93 -22.85 -0.55
C LEU A 324 -17.18 -21.99 -0.68
N LEU A 325 -17.24 -21.20 -1.75
CA LEU A 325 -18.39 -20.36 -2.04
C LEU A 325 -19.60 -21.27 -2.31
N LEU A 326 -20.66 -21.08 -1.54
CA LEU A 326 -21.86 -21.91 -1.67
C LEU A 326 -22.65 -21.57 -2.93
N ILE A 327 -22.60 -20.30 -3.33
CA ILE A 327 -23.18 -19.88 -4.60
C ILE A 327 -22.05 -19.36 -5.49
N ASP A 328 -21.89 -19.99 -6.65
CA ASP A 328 -20.75 -19.70 -7.53
C ASP A 328 -20.93 -18.41 -8.34
N HIS A 329 -19.96 -18.15 -9.20
CA HIS A 329 -19.91 -16.96 -10.06
C HIS A 329 -21.02 -16.91 -11.09
N ARG A 330 -21.76 -18.00 -11.25
CA ARG A 330 -22.87 -18.07 -12.20
C ARG A 330 -24.24 -18.05 -11.52
N PHE A 331 -24.28 -17.61 -10.26
CA PHE A 331 -25.51 -17.56 -9.45
C PHE A 331 -26.11 -18.95 -9.18
N LEU A 332 -25.32 -19.99 -9.44
CA LEU A 332 -25.78 -21.36 -9.26
C LEU A 332 -25.33 -21.93 -7.93
N LEU A 333 -26.24 -22.65 -7.27
CA LEU A 333 -25.94 -23.33 -6.02
C LEU A 333 -24.93 -24.45 -6.25
N ARG A 334 -23.95 -24.55 -5.36
CA ARG A 334 -22.87 -25.52 -5.48
C ARG A 334 -23.34 -26.95 -5.22
N ARG A 335 -22.90 -27.87 -6.08
CA ARG A 335 -23.25 -29.29 -5.96
C ARG A 335 -22.07 -30.19 -6.34
N GLY A 336 -22.11 -31.44 -5.86
CA GLY A 336 -21.14 -32.45 -6.26
C GLY A 336 -20.07 -32.80 -5.22
N GLU A 337 -19.15 -33.65 -5.64
CA GLU A 337 -18.04 -34.09 -4.79
C GLU A 337 -16.89 -33.10 -4.84
N TYR A 338 -16.31 -32.80 -3.68
CA TYR A 338 -15.18 -31.88 -3.60
C TYR A 338 -14.07 -32.42 -2.71
N VAL A 339 -12.85 -32.44 -3.26
CA VAL A 339 -11.66 -32.77 -2.49
C VAL A 339 -10.78 -31.53 -2.41
N LEU A 340 -10.82 -30.87 -1.26
CA LEU A 340 -10.17 -29.58 -1.07
C LEU A 340 -8.94 -29.70 -0.18
N HIS A 341 -7.79 -29.26 -0.70
CA HIS A 341 -6.56 -29.23 0.07
C HIS A 341 -6.46 -27.96 0.87
N MET A 342 -6.25 -28.13 2.18
CA MET A 342 -6.42 -27.05 3.14
C MET A 342 -5.12 -26.32 3.50
N TRP A 343 -5.26 -25.18 4.15
CA TRP A 343 -4.14 -24.34 4.58
C TRP A 343 -3.75 -24.62 6.00
N GLN A 344 -2.48 -24.39 6.32
CA GLN A 344 -1.96 -24.64 7.67
C GLN A 344 -2.01 -23.37 8.52
N ILE A 345 -1.80 -23.52 9.83
CA ILE A 345 -1.81 -22.39 10.76
C ILE A 345 -0.43 -22.13 11.34
N SER A 346 -0.03 -20.86 11.34
CA SER A 346 1.26 -20.43 11.89
C SER A 346 1.28 -20.52 13.42
N SER A 354 -5.61 -12.36 15.25
CA SER A 354 -6.56 -13.46 15.09
C SER A 354 -7.14 -13.50 13.68
N PHE A 355 -7.62 -12.35 13.22
CA PHE A 355 -8.15 -12.21 11.87
C PHE A 355 -6.99 -12.02 10.88
N ASN A 356 -7.17 -12.60 9.70
CA ASN A 356 -6.18 -12.54 8.64
C ASN A 356 -6.91 -12.64 7.32
N ALA A 357 -6.48 -11.86 6.33
CA ALA A 357 -7.09 -11.87 5.00
C ALA A 357 -6.97 -13.24 4.33
N ASP A 358 -5.88 -13.95 4.64
CA ASP A 358 -5.64 -15.29 4.12
C ASP A 358 -6.69 -16.33 4.55
N LYS A 359 -7.45 -16.01 5.58
CA LYS A 359 -8.47 -16.92 6.10
C LYS A 359 -9.79 -16.81 5.34
N LEU A 360 -9.87 -15.85 4.41
CA LEU A 360 -11.07 -15.62 3.63
C LEU A 360 -11.03 -16.28 2.25
N THR A 361 -9.84 -16.73 1.85
CA THR A 361 -9.57 -17.10 0.46
C THR A 361 -10.38 -18.29 -0.06
N SER A 362 -10.89 -18.16 -1.28
CA SER A 362 -11.62 -19.25 -1.94
C SER A 362 -10.65 -20.21 -2.64
N ALA A 363 -9.36 -19.86 -2.62
CA ALA A 363 -8.33 -20.68 -3.22
C ALA A 363 -7.95 -21.86 -2.33
N THR A 364 -7.61 -22.98 -2.95
CA THR A 364 -7.14 -24.17 -2.23
C THR A 364 -5.63 -24.31 -2.33
N ASN A 365 -5.04 -24.97 -1.35
CA ASN A 365 -3.59 -25.19 -1.28
C ASN A 365 -3.07 -25.97 -2.49
N PRO A 366 -2.14 -25.35 -3.27
CA PRO A 366 -1.57 -26.00 -4.45
C PRO A 366 -0.69 -27.21 -4.12
N ASP A 367 -0.12 -27.23 -2.93
CA ASP A 367 0.75 -28.32 -2.48
C ASP A 367 -0.08 -29.55 -2.13
N LYS A 368 -0.18 -30.48 -3.09
CA LYS A 368 -1.01 -31.67 -2.93
C LYS A 368 -0.33 -32.74 -2.08
N GLU A 369 0.99 -32.86 -2.25
CA GLU A 369 1.78 -33.93 -1.64
C GLU A 369 1.88 -33.85 -0.12
N ASN A 370 1.84 -32.62 0.42
CA ASN A 370 2.13 -32.41 1.84
C ASN A 370 0.96 -31.91 2.68
N SER A 371 -0.03 -31.30 2.04
CA SER A 371 -1.13 -30.65 2.75
C SER A 371 -2.27 -31.60 3.10
N MET A 372 -2.93 -31.29 4.22
CA MET A 372 -4.16 -31.93 4.66
C MET A 372 -5.29 -31.61 3.68
N SER A 373 -6.16 -32.58 3.43
CA SER A 373 -7.32 -32.35 2.57
C SER A 373 -8.60 -32.93 3.16
N ILE A 374 -9.74 -32.35 2.75
CA ILE A 374 -11.05 -32.78 3.23
C ILE A 374 -11.97 -33.16 2.07
N SER A 375 -12.73 -34.24 2.24
CA SER A 375 -13.70 -34.69 1.24
C SER A 375 -15.11 -34.38 1.68
N ILE A 376 -15.87 -33.73 0.80
CA ILE A 376 -17.26 -33.36 1.09
C ILE A 376 -18.22 -33.75 -0.04
N LEU A 377 -19.51 -33.77 0.26
CA LEU A 377 -20.54 -34.01 -0.75
C LEU A 377 -21.69 -33.01 -0.60
N LEU A 378 -21.98 -32.32 -1.71
CA LEU A 378 -23.08 -31.36 -1.77
C LEU A 378 -24.13 -31.78 -2.79
N ASP A 379 -25.34 -32.05 -2.30
CA ASP A 379 -26.46 -32.39 -3.18
C ASP A 379 -27.75 -31.76 -2.66
N ASN A 380 -28.10 -30.61 -3.24
CA ASN A 380 -29.28 -29.86 -2.82
C ASN A 380 -30.16 -29.47 -4.00
N GLU A 404 -43.09 10.66 12.48
CA GLU A 404 -41.71 10.18 12.41
C GLU A 404 -41.12 10.00 13.82
N MET A 405 -39.91 9.45 13.87
CA MET A 405 -39.30 8.99 15.12
C MET A 405 -39.22 10.03 16.26
N PRO A 406 -39.32 9.57 17.52
CA PRO A 406 -39.24 10.42 18.71
C PRO A 406 -37.91 11.16 18.85
N ASN A 407 -37.86 12.10 19.79
CA ASN A 407 -36.66 12.87 20.06
C ASN A 407 -35.55 12.04 20.71
N GLN A 408 -35.92 11.23 21.69
CA GLN A 408 -34.97 10.42 22.46
C GLN A 408 -34.29 9.36 21.61
N LEU A 409 -35.05 8.71 20.73
CA LEU A 409 -34.52 7.68 19.85
C LEU A 409 -33.59 8.25 18.78
N ARG A 410 -33.95 9.42 18.24
CA ARG A 410 -33.10 10.11 17.28
C ARG A 410 -31.74 10.45 17.89
N LYS A 411 -31.75 10.91 19.14
CA LYS A 411 -30.52 11.19 19.87
C LYS A 411 -29.67 9.92 20.07
N GLN A 412 -30.35 8.79 20.28
CA GLN A 412 -29.68 7.50 20.44
C GLN A 412 -29.13 7.00 19.11
N LEU A 413 -29.90 7.22 18.04
CA LEU A 413 -29.50 6.83 16.68
C LEU A 413 -28.29 7.61 16.21
N GLU A 414 -28.28 8.91 16.50
CA GLU A 414 -27.20 9.82 16.10
C GLU A 414 -25.91 9.56 16.87
N ALA A 415 -26.04 9.06 18.10
CA ALA A 415 -24.89 8.66 18.90
C ALA A 415 -24.20 7.44 18.29
N ILE A 416 -25.01 6.50 17.79
CA ILE A 416 -24.53 5.31 17.09
C ILE A 416 -23.76 5.69 15.83
N ILE A 417 -24.35 6.56 15.00
CA ILE A 417 -23.73 7.00 13.75
C ILE A 417 -22.43 7.77 14.00
N ALA A 418 -22.39 8.52 15.10
CA ALA A 418 -21.25 9.38 15.44
C ALA A 418 -19.99 8.61 15.82
N THR A 419 -20.15 7.41 16.38
CA THR A 419 -19.03 6.60 16.88
C THR A 419 -18.05 6.18 15.79
N ASP A 420 -16.83 5.83 16.20
CA ASP A 420 -15.76 5.40 15.31
C ASP A 420 -16.06 4.04 14.66
N PRO A 421 -15.34 3.71 13.57
CA PRO A 421 -15.54 2.46 12.83
C PRO A 421 -15.33 1.18 13.63
N LEU A 422 -14.56 1.27 14.72
CA LEU A 422 -14.22 0.08 15.50
C LEU A 422 -15.18 -0.22 16.64
N ASN A 423 -15.94 0.79 17.08
CA ASN A 423 -16.92 0.62 18.13
C ASN A 423 -18.02 -0.35 17.69
N PRO A 424 -18.13 -1.51 18.37
CA PRO A 424 -19.02 -2.58 17.94
C PRO A 424 -20.48 -2.26 18.24
N LEU A 425 -21.37 -2.73 17.36
CA LEU A 425 -22.81 -2.52 17.54
C LEU A 425 -23.40 -3.65 18.36
N THR A 426 -24.21 -3.30 19.35
CA THR A 426 -24.96 -4.29 20.13
C THR A 426 -26.21 -4.68 19.34
N ALA A 427 -26.84 -5.79 19.73
CA ALA A 427 -28.10 -6.20 19.13
C ALA A 427 -29.12 -5.07 19.16
N GLU A 428 -29.17 -4.36 20.28
CA GLU A 428 -30.02 -3.18 20.45
C GLU A 428 -29.74 -2.12 19.37
N ASP A 429 -28.47 -1.82 19.18
CA ASP A 429 -28.04 -0.82 18.19
C ASP A 429 -28.44 -1.23 16.77
N LYS A 430 -28.22 -2.50 16.45
CA LYS A 430 -28.54 -3.05 15.13
C LYS A 430 -30.04 -3.03 14.83
N GLU A 431 -30.85 -3.44 15.82
CA GLU A 431 -32.30 -3.46 15.69
C GLU A 431 -32.90 -2.06 15.54
N LEU A 432 -32.24 -1.08 16.14
CA LEU A 432 -32.66 0.32 16.02
C LEU A 432 -32.31 0.87 14.65
N LEU A 433 -31.07 0.62 14.21
CA LEU A 433 -30.60 1.04 12.89
C LEU A 433 -31.47 0.53 11.74
N TRP A 434 -31.83 -0.75 11.83
CA TRP A 434 -32.65 -1.38 10.79
C TRP A 434 -34.05 -0.86 10.76
N HIS A 435 -34.69 -0.82 11.92
CA HIS A 435 -36.07 -0.33 12.02
C HIS A 435 -36.19 1.05 11.45
N PHE A 436 -35.17 1.87 11.68
CA PHE A 436 -35.14 3.23 11.17
C PHE A 436 -34.11 3.38 10.05
N ARG A 437 -34.13 2.42 9.12
CA ARG A 437 -33.18 2.41 8.00
C ARG A 437 -33.35 3.59 7.04
N TYR A 438 -34.57 4.09 6.90
CA TYR A 438 -34.85 5.18 5.97
C TYR A 438 -34.35 6.53 6.46
N GLU A 439 -34.29 6.68 7.78
CA GLU A 439 -33.68 7.86 8.39
C GLU A 439 -32.16 7.69 8.41
N SER A 440 -31.73 6.44 8.55
CA SER A 440 -30.30 6.09 8.52
C SER A 440 -29.71 6.29 7.12
N LEU A 441 -30.54 6.08 6.10
CA LEU A 441 -30.14 6.23 4.71
C LEU A 441 -29.81 7.67 4.36
N LYS A 442 -30.32 8.61 5.18
CA LYS A 442 -30.10 10.04 4.98
C LYS A 442 -28.71 10.49 5.45
N HIS A 443 -28.01 9.62 6.16
CA HIS A 443 -26.66 9.90 6.64
C HIS A 443 -25.66 8.95 6.03
N PRO A 444 -24.84 9.45 5.09
CA PRO A 444 -23.81 8.62 4.45
C PRO A 444 -22.88 7.94 5.45
N LYS A 445 -22.58 8.63 6.55
CA LYS A 445 -21.70 8.10 7.60
C LYS A 445 -22.26 6.89 8.33
N ALA A 446 -23.57 6.67 8.21
CA ALA A 446 -24.24 5.53 8.86
C ALA A 446 -24.17 4.25 8.03
N TYR A 447 -23.86 4.38 6.74
CA TYR A 447 -23.93 3.26 5.80
C TYR A 447 -23.24 1.96 6.25
N PRO A 448 -21.97 2.04 6.71
CA PRO A 448 -21.30 0.82 7.20
C PRO A 448 -22.05 0.15 8.34
N LYS A 449 -22.55 0.96 9.28
CA LYS A 449 -23.24 0.45 10.45
C LYS A 449 -24.63 -0.07 10.11
N LEU A 450 -25.27 0.57 9.13
CA LEU A 450 -26.59 0.15 8.66
C LEU A 450 -26.52 -1.21 7.98
N PHE A 451 -25.52 -1.39 7.12
CA PHE A 451 -25.37 -2.63 6.37
C PHE A 451 -24.75 -3.76 7.19
N SER A 452 -24.38 -3.44 8.42
CA SER A 452 -23.90 -4.44 9.38
C SER A 452 -25.03 -4.87 10.31
N SER A 453 -26.17 -4.18 10.22
CA SER A 453 -27.36 -4.51 10.99
C SER A 453 -28.28 -5.44 10.20
N VAL A 454 -27.88 -5.70 8.95
CA VAL A 454 -28.66 -6.55 8.06
C VAL A 454 -28.47 -8.03 8.40
N LYS A 455 -29.59 -8.73 8.60
CA LYS A 455 -29.58 -10.17 8.72
C LYS A 455 -29.49 -10.75 7.31
N TRP A 456 -28.26 -11.01 6.87
CA TRP A 456 -27.99 -11.47 5.49
C TRP A 456 -28.44 -12.88 5.23
N GLY A 457 -28.73 -13.63 6.30
CA GLY A 457 -29.20 -15.01 6.18
C GLY A 457 -30.70 -15.11 6.07
N GLN A 458 -31.33 -14.07 5.52
CA GLN A 458 -32.77 -14.02 5.38
C GLN A 458 -33.15 -13.35 4.06
N GLN A 459 -33.72 -14.13 3.15
CA GLN A 459 -34.02 -13.70 1.78
C GLN A 459 -34.86 -12.42 1.70
N GLU A 460 -35.91 -12.36 2.52
CA GLU A 460 -36.82 -11.20 2.54
C GLU A 460 -36.16 -9.91 3.04
N ILE A 461 -35.23 -10.04 3.98
CA ILE A 461 -34.51 -8.90 4.54
C ILE A 461 -33.53 -8.31 3.52
N VAL A 462 -32.73 -9.17 2.91
CA VAL A 462 -31.78 -8.78 1.86
C VAL A 462 -32.51 -8.10 0.70
N ALA A 463 -33.72 -8.58 0.40
CA ALA A 463 -34.57 -7.98 -0.62
C ALA A 463 -34.92 -6.54 -0.28
N LYS A 464 -35.30 -6.31 0.98
CA LYS A 464 -35.60 -4.96 1.49
C LYS A 464 -34.37 -4.07 1.47
N THR A 465 -33.20 -4.69 1.65
CA THR A 465 -31.91 -3.99 1.64
C THR A 465 -31.56 -3.53 0.22
N TYR A 466 -31.90 -4.36 -0.77
CA TYR A 466 -31.70 -4.00 -2.17
C TYR A 466 -32.72 -2.95 -2.62
N GLN A 467 -33.93 -3.04 -2.07
CA GLN A 467 -34.97 -2.03 -2.30
C GLN A 467 -34.56 -0.71 -1.66
N LEU A 468 -33.78 -0.79 -0.58
CA LEU A 468 -33.27 0.39 0.12
C LEU A 468 -32.17 1.09 -0.68
N LEU A 469 -31.30 0.29 -1.31
CA LEU A 469 -30.22 0.81 -2.16
C LEU A 469 -30.72 1.43 -3.46
N ALA A 470 -31.97 1.14 -3.82
CA ALA A 470 -32.62 1.75 -4.98
C ALA A 470 -32.92 3.22 -4.75
N ARG A 471 -32.93 3.62 -3.47
CA ARG A 471 -33.15 5.01 -3.09
C ARG A 471 -31.84 5.65 -2.57
N ARG A 472 -30.83 5.70 -3.42
CA ARG A 472 -29.50 6.20 -3.06
C ARG A 472 -29.30 7.69 -3.36
N GLU A 473 -30.38 8.46 -3.35
CA GLU A 473 -30.33 9.89 -3.68
C GLU A 473 -29.27 10.66 -2.86
N VAL A 474 -29.28 10.45 -1.55
CA VAL A 474 -28.34 11.15 -0.65
C VAL A 474 -26.89 10.66 -0.81
N TRP A 475 -26.72 9.33 -0.84
CA TRP A 475 -25.40 8.72 -1.04
C TRP A 475 -24.73 9.16 -2.31
N ASP A 476 -25.46 9.07 -3.42
CA ASP A 476 -24.95 9.46 -4.74
C ASP A 476 -24.50 10.91 -4.79
N GLN A 477 -25.28 11.80 -4.17
CA GLN A 477 -25.02 13.24 -4.23
C GLN A 477 -23.97 13.71 -3.23
N SER A 478 -23.68 12.89 -2.22
CA SER A 478 -22.73 13.25 -1.17
C SER A 478 -21.30 13.36 -1.70
N ALA A 479 -20.56 14.32 -1.16
CA ALA A 479 -19.14 14.48 -1.49
C ALA A 479 -18.37 13.24 -1.05
N LEU A 480 -17.37 12.87 -1.83
CA LEU A 480 -16.61 11.63 -1.62
C LEU A 480 -15.83 11.64 -0.31
N ASP A 481 -16.05 10.60 0.48
CA ASP A 481 -15.28 10.34 1.69
C ASP A 481 -14.56 9.00 1.52
N VAL A 482 -13.26 9.06 1.25
CA VAL A 482 -12.44 7.88 1.02
C VAL A 482 -12.50 6.94 2.21
N GLY A 483 -12.34 7.49 3.41
CA GLY A 483 -12.40 6.72 4.66
C GLY A 483 -13.67 5.90 4.77
N LEU A 484 -14.81 6.55 4.51
CA LEU A 484 -16.10 5.88 4.51
C LEU A 484 -16.20 4.83 3.40
N THR A 485 -15.70 5.20 2.22
CA THR A 485 -15.71 4.32 1.06
C THR A 485 -14.84 3.08 1.28
N MET A 486 -13.69 3.28 1.92
CA MET A 486 -12.81 2.19 2.33
C MET A 486 -13.49 1.22 3.27
N GLN A 487 -14.30 1.74 4.19
CA GLN A 487 -15.00 0.90 5.18
C GLN A 487 -15.84 -0.18 4.52
N LEU A 488 -16.59 0.20 3.49
CA LEU A 488 -17.49 -0.72 2.79
C LEU A 488 -16.77 -1.75 1.92
N LEU A 489 -15.45 -1.64 1.81
CA LEU A 489 -14.65 -2.59 1.03
C LEU A 489 -13.83 -3.58 1.87
N ASP A 490 -13.95 -3.50 3.19
CA ASP A 490 -13.18 -4.40 4.07
C ASP A 490 -13.87 -5.76 4.26
N CYS A 491 -13.31 -6.57 5.15
CA CYS A 491 -13.76 -7.95 5.38
C CYS A 491 -15.18 -8.06 5.94
N ASN A 492 -15.70 -6.96 6.46
CA ASN A 492 -17.03 -6.93 7.08
C ASN A 492 -18.18 -6.97 6.08
N PHE A 493 -17.88 -6.82 4.79
CA PHE A 493 -18.91 -6.73 3.77
C PHE A 493 -18.66 -7.67 2.60
N SER A 494 -19.57 -8.62 2.41
CA SER A 494 -19.46 -9.64 1.37
C SER A 494 -20.42 -9.39 0.20
N ASP A 495 -21.39 -8.50 0.41
CA ASP A 495 -22.43 -8.27 -0.58
C ASP A 495 -21.94 -7.44 -1.75
N GLU A 496 -22.11 -7.99 -2.96
CA GLU A 496 -21.66 -7.35 -4.20
C GLU A 496 -22.23 -5.95 -4.41
N ASN A 497 -23.52 -5.80 -4.16
CA ASN A 497 -24.20 -4.52 -4.35
C ASN A 497 -23.78 -3.46 -3.34
N VAL A 498 -23.66 -3.85 -2.08
CA VAL A 498 -23.13 -2.96 -1.05
C VAL A 498 -21.74 -2.49 -1.45
N ARG A 499 -20.87 -3.43 -1.80
CA ARG A 499 -19.50 -3.12 -2.19
C ARG A 499 -19.45 -2.24 -3.45
N ALA A 500 -20.34 -2.53 -4.40
CA ALA A 500 -20.41 -1.78 -5.65
C ALA A 500 -20.66 -0.28 -5.45
N ILE A 501 -21.49 0.08 -4.48
CA ILE A 501 -21.80 1.49 -4.23
C ILE A 501 -20.58 2.24 -3.70
N ALA A 502 -19.67 1.50 -3.08
CA ALA A 502 -18.39 2.07 -2.64
C ALA A 502 -17.49 2.32 -3.84
N VAL A 503 -17.30 1.29 -4.67
CA VAL A 503 -16.49 1.39 -5.88
C VAL A 503 -16.99 2.53 -6.79
N GLN A 504 -18.30 2.78 -6.75
CA GLN A 504 -18.90 3.90 -7.47
C GLN A 504 -18.36 5.24 -6.98
N LYS A 505 -18.19 5.37 -5.66
CA LYS A 505 -17.65 6.58 -5.08
C LYS A 505 -16.19 6.81 -5.41
N LEU A 506 -15.44 5.71 -5.60
CA LEU A 506 -14.04 5.77 -5.98
C LEU A 506 -13.83 6.25 -7.41
N GLU A 507 -14.88 6.16 -8.23
CA GLU A 507 -14.81 6.52 -9.65
C GLU A 507 -14.44 8.00 -9.85
N SER A 508 -14.83 8.84 -8.90
CA SER A 508 -14.62 10.29 -9.03
C SER A 508 -13.23 10.73 -8.57
N LEU A 509 -12.45 9.80 -8.03
CA LEU A 509 -11.05 10.05 -7.68
C LEU A 509 -10.24 10.35 -8.93
N GLU A 510 -9.44 11.42 -8.89
CA GLU A 510 -8.51 11.71 -9.97
C GLU A 510 -7.28 10.80 -9.85
N ASP A 511 -6.53 10.67 -10.94
CA ASP A 511 -5.36 9.78 -10.99
C ASP A 511 -4.37 10.04 -9.86
N ASP A 512 -4.23 11.31 -9.49
CA ASP A 512 -3.38 11.72 -8.38
C ASP A 512 -3.81 11.07 -7.06
N ASP A 513 -5.11 11.05 -6.81
CA ASP A 513 -5.66 10.45 -5.61
C ASP A 513 -5.67 8.93 -5.64
N VAL A 514 -5.84 8.36 -6.83
CA VAL A 514 -5.81 6.90 -6.98
C VAL A 514 -4.44 6.38 -6.54
N LEU A 515 -3.38 7.05 -6.99
CA LEU A 515 -2.01 6.71 -6.62
C LEU A 515 -1.79 6.69 -5.10
N HIS A 516 -2.50 7.57 -4.39
CA HIS A 516 -2.41 7.62 -2.93
C HIS A 516 -2.98 6.41 -2.26
N TYR A 517 -4.05 5.85 -2.82
CA TYR A 517 -4.75 4.71 -2.21
C TYR A 517 -4.58 3.41 -2.98
N LEU A 518 -3.81 3.44 -4.06
CA LEU A 518 -3.66 2.29 -4.96
C LEU A 518 -3.26 1.01 -4.23
N LEU A 519 -2.22 1.09 -3.39
CA LEU A 519 -1.72 -0.09 -2.69
C LEU A 519 -2.79 -0.73 -1.82
N GLN A 520 -3.45 0.08 -0.99
CA GLN A 520 -4.51 -0.41 -0.12
C GLN A 520 -5.68 -0.95 -0.95
N LEU A 521 -6.01 -0.27 -2.04
CA LEU A 521 -7.08 -0.73 -2.96
C LEU A 521 -6.78 -2.08 -3.59
N VAL A 522 -5.51 -2.32 -3.92
CA VAL A 522 -5.06 -3.62 -4.42
C VAL A 522 -5.19 -4.69 -3.32
N GLN A 523 -4.75 -4.34 -2.11
CA GLN A 523 -4.88 -5.24 -0.97
C GLN A 523 -6.34 -5.50 -0.62
N ALA A 524 -7.20 -4.52 -0.92
CA ALA A 524 -8.64 -4.62 -0.65
C ALA A 524 -9.33 -5.68 -1.50
N VAL A 525 -8.66 -6.12 -2.57
CA VAL A 525 -9.17 -7.18 -3.44
C VAL A 525 -9.24 -8.53 -2.70
N LYS A 526 -8.40 -8.68 -1.68
CA LYS A 526 -8.39 -9.89 -0.85
C LYS A 526 -9.72 -10.11 -0.13
N PHE A 527 -10.48 -9.03 0.06
CA PHE A 527 -11.78 -9.12 0.74
C PHE A 527 -12.94 -9.41 -0.21
N GLU A 528 -12.67 -9.35 -1.52
CA GLU A 528 -13.70 -9.66 -2.53
C GLU A 528 -14.04 -11.15 -2.53
N PRO A 529 -15.34 -11.48 -2.45
CA PRO A 529 -15.78 -12.88 -2.48
C PRO A 529 -15.50 -13.58 -3.81
N TYR A 530 -15.59 -12.83 -4.92
CA TYR A 530 -15.38 -13.41 -6.25
C TYR A 530 -14.21 -12.75 -6.97
N HIS A 531 -13.55 -13.51 -7.84
CA HIS A 531 -12.40 -13.02 -8.61
C HIS A 531 -12.76 -11.85 -9.48
N ASP A 532 -13.92 -11.94 -10.12
CA ASP A 532 -14.47 -10.83 -10.89
C ASP A 532 -15.26 -9.94 -9.94
N SER A 533 -14.93 -8.66 -9.92
CA SER A 533 -15.60 -7.70 -9.05
C SER A 533 -15.47 -6.29 -9.57
N ALA A 534 -16.38 -5.41 -9.15
CA ALA A 534 -16.35 -4.00 -9.52
C ALA A 534 -15.01 -3.35 -9.18
N LEU A 535 -14.46 -3.70 -8.00
CA LEU A 535 -13.19 -3.15 -7.54
C LEU A 535 -12.04 -3.56 -8.45
N ALA A 536 -12.00 -4.85 -8.79
CA ALA A 536 -10.99 -5.38 -9.70
C ALA A 536 -11.08 -4.64 -11.04
N ARG A 537 -12.30 -4.55 -11.58
CA ARG A 537 -12.56 -3.83 -12.82
C ARG A 537 -12.17 -2.35 -12.75
N PHE A 538 -12.36 -1.75 -11.57
CA PHE A 538 -11.97 -0.36 -11.33
C PHE A 538 -10.45 -0.18 -11.40
N LEU A 539 -9.72 -1.10 -10.77
CA LEU A 539 -8.26 -1.06 -10.77
C LEU A 539 -7.72 -1.31 -12.17
N LEU A 540 -8.39 -2.19 -12.88
CA LEU A 540 -8.08 -2.48 -14.28
C LEU A 540 -8.28 -1.23 -15.15
N LYS A 541 -9.44 -0.61 -15.01
CA LYS A 541 -9.79 0.59 -15.77
C LYS A 541 -8.79 1.73 -15.57
N ARG A 542 -8.45 2.01 -14.32
CA ARG A 542 -7.60 3.16 -13.99
C ARG A 542 -6.14 2.95 -14.40
N GLY A 543 -5.68 1.70 -14.27
CA GLY A 543 -4.32 1.34 -14.66
C GLY A 543 -4.09 1.40 -16.15
N LEU A 544 -5.14 1.07 -16.92
CA LEU A 544 -5.07 1.12 -18.37
C LEU A 544 -5.21 2.54 -18.90
N ARG A 545 -5.85 3.40 -18.11
CA ARG A 545 -6.08 4.79 -18.49
C ARG A 545 -4.83 5.65 -18.29
N ASN A 546 -4.02 5.28 -17.30
CA ASN A 546 -2.85 6.07 -16.91
C ASN A 546 -1.62 5.20 -16.72
N LYS A 547 -0.52 5.59 -17.34
CA LYS A 547 0.72 4.80 -17.31
C LYS A 547 1.34 4.69 -15.92
N ARG A 548 1.24 5.76 -15.12
CA ARG A 548 1.80 5.76 -13.78
C ARG A 548 1.03 4.84 -12.82
N ILE A 549 -0.30 4.94 -12.83
CA ILE A 549 -1.14 4.01 -12.08
C ILE A 549 -0.85 2.59 -12.58
N GLY A 550 -0.73 2.42 -13.89
CA GLY A 550 -0.44 1.13 -14.49
C GLY A 550 0.89 0.53 -14.08
N HIS A 551 1.90 1.39 -13.92
CA HIS A 551 3.23 0.94 -13.50
C HIS A 551 3.20 0.41 -12.10
N PHE A 552 2.60 1.15 -11.18
CA PHE A 552 2.55 0.75 -9.78
C PHE A 552 1.55 -0.38 -9.53
N LEU A 553 0.51 -0.45 -10.37
CA LEU A 553 -0.42 -1.56 -10.34
C LEU A 553 0.30 -2.87 -10.65
N PHE A 554 1.17 -2.83 -11.66
CA PHE A 554 1.96 -4.00 -12.04
C PHE A 554 2.72 -4.54 -10.84
N TRP A 555 3.54 -3.69 -10.24
CA TRP A 555 4.41 -4.08 -9.14
C TRP A 555 3.68 -4.50 -7.89
N PHE A 556 2.60 -3.78 -7.56
CA PHE A 556 1.80 -4.14 -6.38
C PHE A 556 1.17 -5.53 -6.56
N LEU A 557 0.58 -5.76 -7.72
CA LEU A 557 -0.02 -7.05 -8.05
C LEU A 557 1.04 -8.14 -8.16
N ARG A 558 2.19 -7.83 -8.76
CA ARG A 558 3.27 -8.80 -8.92
C ARG A 558 3.87 -9.19 -7.58
N SER A 559 3.89 -8.24 -6.65
CA SER A 559 4.41 -8.46 -5.31
C SER A 559 3.65 -9.57 -4.57
N GLU A 560 2.32 -9.52 -4.61
CA GLU A 560 1.49 -10.52 -3.95
C GLU A 560 1.51 -11.87 -4.65
N ILE A 561 1.60 -11.84 -5.98
CA ILE A 561 1.68 -13.06 -6.77
C ILE A 561 2.92 -13.87 -6.37
N ALA A 562 4.02 -13.16 -6.15
CA ALA A 562 5.31 -13.76 -5.84
C ALA A 562 5.38 -14.43 -4.46
N GLN A 563 4.55 -13.99 -3.53
CA GLN A 563 4.68 -14.46 -2.14
C GLN A 563 3.38 -14.82 -1.43
N SER A 564 2.25 -14.74 -2.14
CA SER A 564 0.96 -15.16 -1.57
C SER A 564 0.35 -16.31 -2.35
N ARG A 565 0.48 -17.53 -1.81
CA ARG A 565 -0.19 -18.71 -2.37
C ARG A 565 -1.71 -18.61 -2.25
N HIS A 566 -2.17 -17.84 -1.26
CA HIS A 566 -3.59 -17.64 -1.01
C HIS A 566 -4.28 -16.80 -2.05
N TYR A 567 -3.54 -15.88 -2.67
CA TYR A 567 -4.16 -14.92 -3.58
C TYR A 567 -3.46 -14.71 -4.92
N GLN A 568 -2.41 -15.48 -5.20
CA GLN A 568 -1.68 -15.34 -6.45
C GLN A 568 -2.54 -15.60 -7.68
N GLN A 569 -3.38 -16.63 -7.61
CA GLN A 569 -4.26 -17.02 -8.72
C GLN A 569 -5.20 -15.88 -9.14
N ARG A 570 -5.83 -15.25 -8.16
CA ARG A 570 -6.73 -14.13 -8.42
C ARG A 570 -6.00 -12.93 -8.99
N PHE A 571 -4.91 -12.53 -8.33
CA PHE A 571 -4.11 -11.39 -8.77
C PHE A 571 -3.44 -11.61 -10.12
N ALA A 572 -3.05 -12.84 -10.42
CA ALA A 572 -2.48 -13.21 -11.72
C ALA A 572 -3.47 -12.99 -12.85
N VAL A 573 -4.74 -13.34 -12.61
CA VAL A 573 -5.81 -13.10 -13.59
C VAL A 573 -5.97 -11.60 -13.87
N ILE A 574 -5.89 -10.79 -12.82
CA ILE A 574 -6.00 -9.33 -12.95
C ILE A 574 -4.80 -8.73 -13.67
N LEU A 575 -3.60 -9.24 -13.38
CA LEU A 575 -2.39 -8.70 -13.99
C LEU A 575 -2.31 -9.03 -15.48
N GLU A 576 -2.68 -10.28 -15.83
CA GLU A 576 -2.78 -10.70 -17.22
C GLU A 576 -3.77 -9.79 -17.95
N ALA A 577 -4.87 -9.50 -17.26
CA ALA A 577 -5.88 -8.58 -17.78
C ALA A 577 -5.26 -7.21 -18.10
N TYR A 578 -4.51 -6.65 -17.14
CA TYR A 578 -3.84 -5.36 -17.37
C TYR A 578 -2.82 -5.42 -18.51
N LEU A 579 -1.93 -6.40 -18.45
CA LEU A 579 -0.83 -6.51 -19.41
C LEU A 579 -1.28 -6.68 -20.87
N ARG A 580 -2.46 -7.26 -21.05
CA ARG A 580 -3.01 -7.52 -22.38
C ARG A 580 -3.55 -6.27 -23.07
N GLY A 581 -3.56 -5.15 -22.34
CA GLY A 581 -4.05 -3.90 -22.89
C GLY A 581 -3.18 -2.68 -22.62
N CYS A 582 -2.05 -2.89 -21.95
CA CYS A 582 -1.16 -1.79 -21.57
C CYS A 582 -0.27 -1.30 -22.71
N GLY A 583 -0.16 -2.10 -23.78
CA GLY A 583 0.59 -1.69 -24.96
C GLY A 583 2.00 -2.25 -25.01
N THR A 584 2.51 -2.42 -26.23
CA THR A 584 3.82 -3.03 -26.47
C THR A 584 4.97 -2.25 -25.80
N ALA A 585 4.86 -0.92 -25.82
CA ALA A 585 5.87 -0.03 -25.25
C ALA A 585 6.10 -0.29 -23.77
N MET A 586 5.00 -0.44 -23.03
CA MET A 586 5.09 -0.71 -21.60
C MET A 586 5.46 -2.17 -21.33
N LEU A 587 4.87 -3.08 -22.08
CA LEU A 587 5.22 -4.51 -22.01
C LEU A 587 6.73 -4.71 -22.14
N HIS A 588 7.36 -3.92 -23.00
CA HIS A 588 8.81 -3.93 -23.20
C HIS A 588 9.52 -3.40 -21.99
N ASP A 589 8.96 -2.35 -21.39
CA ASP A 589 9.55 -1.74 -20.20
C ASP A 589 9.46 -2.67 -19.00
N PHE A 590 8.35 -3.38 -18.88
CA PHE A 590 8.16 -4.35 -17.80
C PHE A 590 9.13 -5.53 -17.92
N THR A 591 9.41 -5.93 -19.16
CA THR A 591 10.29 -7.07 -19.44
C THR A 591 11.75 -6.76 -19.05
N GLN A 592 12.20 -5.56 -19.40
CA GLN A 592 13.54 -5.10 -19.01
C GLN A 592 13.70 -5.01 -17.49
N GLN A 593 12.64 -4.58 -16.81
CA GLN A 593 12.66 -4.44 -15.36
C GLN A 593 12.70 -5.78 -14.64
N VAL A 594 11.82 -6.70 -15.04
CA VAL A 594 11.71 -8.01 -14.40
C VAL A 594 13.03 -8.79 -14.51
N GLN A 595 13.64 -8.74 -15.70
CA GLN A 595 14.93 -9.39 -15.95
C GLN A 595 16.02 -8.86 -15.03
N VAL A 596 16.04 -7.54 -14.84
CA VAL A 596 17.05 -6.90 -13.99
C VAL A 596 16.94 -7.36 -12.54
N ILE A 597 15.75 -7.24 -11.94
CA ILE A 597 15.57 -7.60 -10.54
C ILE A 597 15.82 -9.09 -10.27
N GLU A 598 15.41 -9.95 -11.19
CA GLU A 598 15.66 -11.39 -11.08
C GLU A 598 17.16 -11.70 -11.09
N MET A 599 17.89 -10.97 -11.93
CA MET A 599 19.35 -11.09 -12.00
C MET A 599 20.00 -10.65 -10.69
N LEU A 600 19.55 -9.51 -10.16
CA LEU A 600 20.13 -8.93 -8.96
C LEU A 600 19.68 -9.60 -7.66
N GLN A 601 18.52 -10.27 -7.69
CA GLN A 601 18.07 -11.08 -6.56
C GLN A 601 18.96 -12.31 -6.37
N LYS A 602 19.39 -12.90 -7.48
CA LYS A 602 20.32 -14.02 -7.46
C LYS A 602 21.65 -13.58 -6.83
N VAL A 603 22.10 -12.39 -7.20
CA VAL A 603 23.34 -11.83 -6.66
C VAL A 603 23.19 -11.50 -5.16
N THR A 604 22.02 -11.00 -4.78
CA THR A 604 21.72 -10.67 -3.39
C THR A 604 21.80 -11.91 -2.49
N LEU A 605 21.21 -13.01 -2.96
CA LEU A 605 21.16 -14.27 -2.19
C LEU A 605 22.49 -15.02 -2.22
N ASP A 606 23.23 -14.88 -3.31
CA ASP A 606 24.54 -15.51 -3.44
C ASP A 606 25.58 -14.91 -2.50
N ILE A 607 25.58 -13.58 -2.37
CA ILE A 607 26.50 -12.87 -1.49
C ILE A 607 26.22 -13.13 -0.01
N LYS A 608 24.95 -13.16 0.36
CA LYS A 608 24.53 -13.38 1.75
C LYS A 608 25.02 -14.72 2.30
N SER A 609 25.09 -15.72 1.42
CA SER A 609 25.58 -17.06 1.78
C SER A 609 27.06 -17.03 2.21
N LEU A 610 27.88 -16.30 1.46
CA LEU A 610 29.32 -16.21 1.70
C LEU A 610 29.65 -15.47 2.99
N LYS A 614 29.74 -14.46 11.53
CA LYS A 614 30.18 -13.12 11.92
C LYS A 614 29.58 -12.05 11.01
N TYR A 615 29.55 -10.81 11.52
CA TYR A 615 28.95 -9.67 10.81
C TYR A 615 30.00 -8.81 10.10
N ASP A 616 31.23 -9.31 10.04
CA ASP A 616 32.35 -8.60 9.42
C ASP A 616 32.39 -8.87 7.92
N VAL A 617 32.42 -7.80 7.12
CA VAL A 617 32.57 -7.92 5.67
C VAL A 617 34.05 -8.04 5.32
N SER A 618 34.43 -9.20 4.80
CA SER A 618 35.83 -9.49 4.49
C SER A 618 36.22 -9.05 3.08
N SER A 619 37.53 -9.09 2.80
CA SER A 619 38.08 -8.72 1.50
C SER A 619 37.58 -9.63 0.37
N GLN A 620 37.58 -10.93 0.63
CA GLN A 620 37.19 -11.94 -0.37
C GLN A 620 35.72 -11.86 -0.78
N VAL A 621 34.89 -11.29 0.09
CA VAL A 621 33.46 -11.11 -0.20
C VAL A 621 33.24 -9.94 -1.16
N ILE A 622 33.84 -8.79 -0.82
CA ILE A 622 33.69 -7.56 -1.61
C ILE A 622 34.23 -7.71 -3.03
N SER A 623 35.23 -8.57 -3.21
CA SER A 623 35.79 -8.87 -4.51
C SER A 623 34.83 -9.73 -5.35
N GLN A 624 34.19 -10.69 -4.69
CA GLN A 624 33.26 -11.62 -5.36
C GLN A 624 32.03 -10.91 -5.92
N LEU A 625 31.56 -9.87 -5.23
CA LEU A 625 30.45 -9.06 -5.69
C LEU A 625 30.81 -8.30 -6.97
N LYS A 626 31.95 -7.61 -6.91
CA LYS A 626 32.48 -6.87 -8.07
C LYS A 626 32.68 -7.80 -9.26
N GLN A 627 33.05 -9.04 -8.98
CA GLN A 627 33.24 -10.06 -10.00
C GLN A 627 31.92 -10.43 -10.69
N LYS A 628 30.88 -10.68 -9.90
CA LYS A 628 29.57 -11.10 -10.43
C LYS A 628 28.87 -9.99 -11.22
N LEU A 629 29.02 -8.76 -10.76
CA LEU A 629 28.39 -7.59 -11.40
C LEU A 629 29.09 -7.21 -12.69
N GLU A 630 30.39 -7.48 -12.77
CA GLU A 630 31.15 -7.29 -14.01
C GLU A 630 30.74 -8.35 -15.03
N ASN A 631 30.46 -9.56 -14.55
CA ASN A 631 30.03 -10.65 -15.41
C ASN A 631 28.62 -10.48 -15.96
N LEU A 632 27.76 -9.80 -15.20
CA LEU A 632 26.40 -9.51 -15.64
C LEU A 632 26.35 -8.36 -16.64
N GLN A 633 27.17 -7.33 -16.40
CA GLN A 633 27.24 -6.14 -17.24
C GLN A 633 27.47 -6.49 -18.71
N ASN A 634 28.48 -7.33 -18.96
CA ASN A 634 28.85 -7.72 -20.32
C ASN A 634 27.95 -8.80 -20.92
N SER A 635 27.17 -9.45 -20.07
CA SER A 635 26.34 -10.58 -20.49
C SER A 635 24.96 -10.17 -21.01
N GLN A 636 23.93 -10.37 -20.21
CA GLN A 636 22.54 -10.20 -20.67
C GLN A 636 21.73 -9.12 -19.94
N LEU A 637 22.41 -8.32 -19.10
CA LEU A 637 21.77 -7.21 -18.41
C LEU A 637 21.51 -6.06 -19.39
N PRO A 638 20.23 -5.67 -19.56
CA PRO A 638 19.84 -4.68 -20.56
C PRO A 638 20.49 -3.32 -20.34
N GLU A 639 20.69 -2.58 -21.43
CA GLU A 639 21.38 -1.28 -21.40
C GLU A 639 20.70 -0.26 -20.49
N SER A 640 19.37 -0.32 -20.41
CA SER A 640 18.58 0.58 -19.56
C SER A 640 17.30 -0.09 -19.04
N PHE A 641 16.78 0.45 -17.94
CA PHE A 641 15.53 -0.03 -17.32
C PHE A 641 14.91 1.04 -16.43
N ARG A 642 13.59 1.07 -16.37
CA ARG A 642 12.86 1.98 -15.49
C ARG A 642 13.01 1.56 -14.03
N VAL A 643 13.19 2.54 -13.15
CA VAL A 643 13.28 2.27 -11.72
C VAL A 643 11.88 1.96 -11.19
N PRO A 644 11.68 0.73 -10.67
CA PRO A 644 10.36 0.29 -10.23
C PRO A 644 9.65 1.23 -9.24
N TYR A 645 10.40 1.84 -8.33
CA TYR A 645 9.80 2.76 -7.35
C TYR A 645 9.71 4.20 -7.85
N ASP A 646 10.30 4.46 -9.01
CA ASP A 646 10.29 5.79 -9.64
C ASP A 646 10.34 5.64 -11.16
N PRO A 647 9.17 5.40 -11.80
CA PRO A 647 9.12 5.07 -13.23
C PRO A 647 9.56 6.21 -14.15
N GLY A 648 9.75 7.39 -13.57
CA GLY A 648 10.27 8.54 -14.31
C GLY A 648 11.76 8.41 -14.62
N LEU A 649 12.49 7.70 -13.78
CA LEU A 649 13.93 7.53 -13.94
C LEU A 649 14.30 6.29 -14.77
N LYS A 650 15.22 6.48 -15.72
CA LYS A 650 15.80 5.36 -16.46
C LYS A 650 17.24 5.14 -16.01
N ALA A 651 17.48 3.99 -15.38
CA ALA A 651 18.81 3.59 -14.96
C ALA A 651 19.53 2.87 -16.09
N GLY A 652 20.84 3.06 -16.17
CA GLY A 652 21.64 2.46 -17.22
C GLY A 652 22.62 1.41 -16.72
N ALA A 653 23.90 1.64 -17.01
CA ALA A 653 24.96 0.71 -16.65
C ALA A 653 25.39 0.85 -15.19
N LEU A 654 25.76 -0.28 -14.59
CA LEU A 654 26.23 -0.32 -13.20
C LEU A 654 27.56 0.40 -13.01
N ALA A 655 27.64 1.23 -11.98
CA ALA A 655 28.90 1.83 -11.56
C ALA A 655 29.57 0.92 -10.54
N ILE A 656 30.14 -0.19 -11.02
CA ILE A 656 30.71 -1.25 -10.18
C ILE A 656 31.69 -0.72 -9.12
N GLU A 657 32.43 0.32 -9.49
CA GLU A 657 33.40 0.97 -8.58
C GLU A 657 32.74 1.42 -7.27
N LYS A 658 31.50 1.89 -7.37
CA LYS A 658 30.77 2.43 -6.23
C LYS A 658 29.85 1.38 -5.56
N CYS A 659 29.84 0.17 -6.11
CA CYS A 659 29.03 -0.93 -5.58
C CYS A 659 29.75 -1.67 -4.46
N LYS A 660 28.99 -2.07 -3.43
CA LYS A 660 29.54 -2.73 -2.26
C LYS A 660 28.52 -3.57 -1.49
N VAL A 661 29.00 -4.38 -0.56
CA VAL A 661 28.15 -5.07 0.40
C VAL A 661 28.30 -4.35 1.74
N MET A 662 27.18 -3.95 2.34
CA MET A 662 27.21 -3.17 3.58
C MET A 662 27.40 -4.04 4.82
N ALA A 663 28.16 -3.52 5.78
CA ALA A 663 28.40 -4.21 7.05
C ALA A 663 27.14 -4.20 7.91
N SER A 664 26.25 -5.14 7.64
CA SER A 664 24.96 -5.23 8.32
C SER A 664 24.63 -6.69 8.66
N LYS A 665 23.51 -6.88 9.34
CA LYS A 665 23.06 -8.22 9.74
C LYS A 665 22.68 -9.05 8.52
N LYS A 666 21.85 -8.48 7.64
CA LYS A 666 21.35 -9.17 6.46
C LYS A 666 22.25 -9.03 5.23
N LYS A 667 23.33 -8.26 5.36
CA LYS A 667 24.31 -8.06 4.29
C LYS A 667 23.67 -7.68 2.94
N PRO A 668 23.09 -6.48 2.84
CA PRO A 668 22.40 -6.09 1.61
C PRO A 668 23.36 -5.62 0.53
N LEU A 669 22.83 -5.40 -0.68
CA LEU A 669 23.63 -4.89 -1.80
C LEU A 669 23.45 -3.40 -1.97
N TRP A 670 24.57 -2.69 -2.02
CA TRP A 670 24.58 -1.27 -2.34
C TRP A 670 24.93 -1.12 -3.78
N LEU A 671 23.92 -0.86 -4.61
CA LEU A 671 24.12 -0.78 -6.06
C LEU A 671 23.87 0.64 -6.57
N GLU A 672 24.71 1.05 -7.52
CA GLU A 672 24.61 2.40 -8.09
C GLU A 672 24.62 2.35 -9.61
N PHE A 673 23.74 3.14 -10.23
CA PHE A 673 23.56 3.12 -11.69
C PHE A 673 23.78 4.49 -12.30
N LYS A 674 24.24 4.51 -13.56
CA LYS A 674 24.32 5.72 -14.35
C LYS A 674 22.95 6.02 -14.94
N CYS A 675 22.63 7.30 -15.09
CA CYS A 675 21.35 7.69 -15.69
C CYS A 675 21.39 7.50 -17.21
N ALA A 676 20.42 6.77 -17.73
CA ALA A 676 20.35 6.45 -19.16
C ALA A 676 20.06 7.66 -20.02
N ASP A 677 19.47 8.69 -19.41
CA ASP A 677 19.09 9.91 -20.13
C ASP A 677 20.24 10.92 -20.14
N PRO A 678 20.77 11.23 -21.35
CA PRO A 678 21.88 12.17 -21.48
C PRO A 678 21.48 13.63 -21.20
N THR A 679 20.18 13.92 -21.25
CA THR A 679 19.67 15.27 -21.02
C THR A 679 19.63 15.64 -19.54
N ALA A 680 20.09 14.73 -18.68
CA ALA A 680 20.13 14.95 -17.23
C ALA A 680 21.04 16.13 -16.87
N LEU A 681 20.55 17.00 -15.99
CA LEU A 681 21.27 18.20 -15.58
C LEU A 681 22.44 17.92 -14.65
N SER A 682 22.47 16.73 -14.06
CA SER A 682 23.50 16.34 -13.10
C SER A 682 24.09 14.96 -13.40
N ASN A 683 25.31 14.73 -12.93
CA ASN A 683 25.97 13.44 -13.08
C ASN A 683 25.78 12.53 -11.85
N GLU A 684 24.66 12.71 -11.16
CA GLU A 684 24.28 11.90 -10.00
C GLU A 684 24.01 10.46 -10.40
N THR A 685 24.23 9.54 -9.47
CA THR A 685 23.97 8.12 -9.69
C THR A 685 22.66 7.70 -9.02
N ILE A 686 21.96 6.76 -9.64
CA ILE A 686 20.74 6.19 -9.07
C ILE A 686 21.12 5.07 -8.11
N GLY A 687 20.88 5.30 -6.82
CA GLY A 687 21.26 4.35 -5.78
C GLY A 687 20.11 3.47 -5.33
N ILE A 688 20.35 2.16 -5.37
CA ILE A 688 19.35 1.18 -4.94
C ILE A 688 19.98 0.15 -3.99
N ILE A 689 19.25 -0.19 -2.93
CA ILE A 689 19.65 -1.27 -2.03
C ILE A 689 18.79 -2.52 -2.30
N PHE A 690 19.44 -3.64 -2.56
CA PHE A 690 18.76 -4.94 -2.66
C PHE A 690 18.98 -5.73 -1.38
N LYS A 691 17.87 -6.17 -0.77
CA LYS A 691 17.93 -6.74 0.57
C LYS A 691 17.05 -7.99 0.71
N HIS A 692 17.61 -9.00 1.38
CA HIS A 692 16.86 -10.20 1.75
C HIS A 692 16.91 -10.37 3.25
N GLY A 693 15.74 -10.52 3.87
CA GLY A 693 15.66 -10.68 5.32
C GLY A 693 14.62 -9.80 6.00
N ASP A 694 14.34 -8.65 5.37
CA ASP A 694 13.27 -7.76 5.85
C ASP A 694 11.99 -8.03 5.07
N ASP A 695 10.85 -7.96 5.76
CA ASP A 695 9.55 -8.11 5.11
C ASP A 695 9.10 -6.76 4.57
N LEU A 696 9.51 -6.47 3.33
CA LEU A 696 9.30 -5.15 2.73
C LEU A 696 7.86 -4.84 2.32
N ARG A 697 6.99 -5.85 2.39
CA ARG A 697 5.55 -5.63 2.25
C ARG A 697 5.06 -4.71 3.36
N GLN A 698 5.53 -4.95 4.58
CA GLN A 698 5.20 -4.13 5.73
C GLN A 698 5.73 -2.70 5.54
N ASP A 699 6.95 -2.59 5.04
CA ASP A 699 7.54 -1.28 4.72
C ASP A 699 6.71 -0.53 3.69
N MET A 700 6.27 -1.22 2.64
CA MET A 700 5.42 -0.63 1.60
C MET A 700 4.14 -0.03 2.16
N LEU A 701 3.50 -0.75 3.08
CA LEU A 701 2.22 -0.33 3.64
C LEU A 701 2.35 0.87 4.57
N ILE A 702 3.42 0.89 5.37
CA ILE A 702 3.71 2.01 6.26
C ILE A 702 4.05 3.27 5.45
N LEU A 703 4.94 3.12 4.47
CA LEU A 703 5.37 4.26 3.65
C LEU A 703 4.19 4.86 2.89
N GLN A 704 3.27 4.01 2.46
CA GLN A 704 2.09 4.48 1.75
C GLN A 704 1.15 5.25 2.69
N ILE A 705 1.07 4.81 3.94
CA ILE A 705 0.32 5.55 4.95
C ILE A 705 1.00 6.90 5.24
N LEU A 706 2.34 6.88 5.30
CA LEU A 706 3.11 8.12 5.49
C LEU A 706 2.86 9.15 4.40
N ARG A 707 2.72 8.68 3.16
CA ARG A 707 2.41 9.56 2.03
C ARG A 707 0.97 10.08 2.07
N ILE A 708 0.08 9.33 2.72
CA ILE A 708 -1.29 9.77 2.91
C ILE A 708 -1.34 10.88 3.96
N MET A 709 -0.49 10.75 4.99
CA MET A 709 -0.39 11.76 6.04
C MET A 709 0.20 13.06 5.51
N GLU A 710 1.12 12.96 4.55
CA GLU A 710 1.67 14.14 3.90
C GLU A 710 0.62 14.89 3.08
N SER A 711 -0.33 14.15 2.52
CA SER A 711 -1.42 14.76 1.77
C SER A 711 -2.43 15.40 2.71
N ILE A 712 -2.63 14.78 3.88
CA ILE A 712 -3.56 15.31 4.88
C ILE A 712 -3.07 16.64 5.45
N TRP A 713 -1.77 16.76 5.65
CA TRP A 713 -1.18 18.01 6.14
C TRP A 713 -1.13 19.08 5.09
N GLU A 714 -1.06 18.68 3.83
CA GLU A 714 -1.05 19.62 2.71
C GLU A 714 -2.39 20.37 2.59
N THR A 715 -3.48 19.67 2.92
CA THR A 715 -4.82 20.27 2.96
C THR A 715 -4.88 21.41 3.97
N GLU A 716 -4.06 21.32 5.01
CA GLU A 716 -3.98 22.34 6.05
C GLU A 716 -2.65 23.10 6.00
N SER A 717 -2.11 23.23 4.78
CA SER A 717 -0.93 24.04 4.48
C SER A 717 0.31 23.74 5.34
N LEU A 718 0.60 22.45 5.51
CA LEU A 718 1.76 22.01 6.28
C LEU A 718 2.69 21.15 5.45
N ASP A 719 3.99 21.29 5.71
CA ASP A 719 5.01 20.45 5.08
C ASP A 719 6.00 20.02 6.17
N LEU A 720 5.79 18.81 6.68
CA LEU A 720 6.61 18.27 7.76
C LEU A 720 7.81 17.47 7.24
N CYS A 721 8.14 17.68 5.97
CA CYS A 721 9.38 17.20 5.35
C CYS A 721 9.75 15.73 5.56
N LEU A 722 8.75 14.86 5.61
CA LEU A 722 8.99 13.42 5.70
C LEU A 722 9.78 12.95 4.47
N LEU A 723 10.56 11.89 4.66
CA LEU A 723 11.19 11.21 3.53
C LEU A 723 10.67 9.79 3.42
N PRO A 724 9.52 9.60 2.75
CA PRO A 724 9.03 8.26 2.50
C PRO A 724 9.71 7.66 1.28
N TYR A 725 10.87 7.06 1.50
CA TYR A 725 11.71 6.48 0.45
C TYR A 725 10.96 5.46 -0.41
N GLY A 726 11.41 5.31 -1.66
CA GLY A 726 10.87 4.31 -2.57
C GLY A 726 11.19 2.92 -2.09
N CYS A 727 10.24 2.00 -2.24
CA CYS A 727 10.39 0.63 -1.76
C CYS A 727 9.43 -0.31 -2.47
N ILE A 728 9.97 -1.31 -3.17
CA ILE A 728 9.14 -2.30 -3.83
C ILE A 728 9.51 -3.71 -3.37
N SER A 729 8.54 -4.42 -2.80
CA SER A 729 8.69 -5.83 -2.44
C SER A 729 8.59 -6.69 -3.70
N THR A 730 9.61 -7.51 -3.94
CA THR A 730 9.72 -8.28 -5.18
C THR A 730 9.50 -9.77 -4.99
N GLY A 731 9.46 -10.21 -3.73
CA GLY A 731 9.21 -11.61 -3.40
C GLY A 731 9.15 -11.85 -1.90
N ASP A 732 9.37 -13.09 -1.49
CA ASP A 732 9.35 -13.47 -0.09
C ASP A 732 10.57 -12.93 0.66
N LYS A 733 10.33 -12.00 1.59
CA LYS A 733 11.36 -11.36 2.40
C LYS A 733 12.52 -10.77 1.57
N ILE A 734 12.19 -10.26 0.39
CA ILE A 734 13.19 -9.69 -0.53
C ILE A 734 12.58 -8.55 -1.37
N GLY A 735 13.43 -7.56 -1.70
CA GLY A 735 13.01 -6.44 -2.54
C GLY A 735 14.08 -5.36 -2.65
N MET A 736 13.65 -4.17 -3.06
CA MET A 736 14.58 -3.06 -3.26
C MET A 736 14.18 -1.82 -2.48
N ILE A 737 15.19 -1.00 -2.16
CA ILE A 737 15.01 0.21 -1.36
C ILE A 737 15.75 1.38 -2.00
N GLU A 738 15.08 2.52 -2.13
CA GLU A 738 15.70 3.75 -2.60
C GLU A 738 16.77 4.20 -1.60
N ILE A 739 17.96 4.52 -2.10
CA ILE A 739 19.00 5.10 -1.25
C ILE A 739 18.78 6.60 -1.12
N VAL A 740 18.54 7.06 0.12
CA VAL A 740 18.47 8.49 0.38
C VAL A 740 19.89 9.01 0.51
N LYS A 741 20.28 9.85 -0.44
CA LYS A 741 21.67 10.29 -0.58
C LYS A 741 22.12 11.22 0.56
N ASP A 742 23.41 11.09 0.92
CA ASP A 742 24.05 11.93 1.93
C ASP A 742 23.44 11.77 3.33
N ALA A 743 23.03 10.56 3.66
CA ALA A 743 22.36 10.29 4.94
C ALA A 743 23.16 9.33 5.81
N THR A 744 22.95 9.43 7.12
CA THR A 744 23.59 8.52 8.07
C THR A 744 22.67 8.17 9.24
N THR A 745 22.99 7.07 9.91
CA THR A 745 22.25 6.57 11.07
C THR A 745 22.65 7.33 12.34
N ILE A 746 21.65 7.66 13.16
CA ILE A 746 21.84 8.38 14.42
C ILE A 746 22.86 7.68 15.35
N ALA A 747 22.82 6.35 15.38
CA ALA A 747 23.77 5.55 16.15
C ALA A 747 25.21 5.72 15.66
N LYS A 748 25.38 5.79 14.34
CA LYS A 748 26.70 5.95 13.72
C LYS A 748 27.33 7.31 14.02
N ILE A 749 26.48 8.33 14.22
CA ILE A 749 26.94 9.65 14.63
C ILE A 749 27.40 9.62 16.09
N GLN A 750 26.68 8.84 16.90
CA GLN A 750 27.06 8.63 18.31
C GLN A 750 28.34 7.79 18.43
N GLN A 751 28.58 6.90 17.47
CA GLN A 751 29.78 6.05 17.45
C GLN A 751 31.07 6.81 17.12
N SER A 752 30.97 7.79 16.23
CA SER A 752 32.14 8.54 15.74
C SER A 752 32.78 9.44 16.81
N THR A 753 31.96 9.90 17.76
CA THR A 753 32.45 10.76 18.84
C THR A 753 32.64 9.98 20.14
N VAL A 754 31.65 9.15 20.48
CA VAL A 754 31.65 8.43 21.76
C VAL A 754 32.24 7.02 21.64
N GLY A 755 31.63 6.19 20.79
CA GLY A 755 32.06 4.81 20.60
C GLY A 755 30.97 3.79 20.92
N ASN A 756 30.68 3.62 22.20
CA ASN A 756 29.63 2.71 22.67
C ASN A 756 28.79 3.29 23.80
N ALA A 759 26.66 4.93 26.45
CA ALA A 759 26.93 6.32 26.77
C ALA A 759 26.62 7.22 25.58
N PHE A 760 25.90 8.30 25.85
CA PHE A 760 25.52 9.24 24.79
C PHE A 760 25.69 10.69 25.21
N LYS A 761 26.10 11.53 24.26
CA LYS A 761 26.25 12.97 24.49
C LYS A 761 25.25 13.74 23.64
N ASP A 762 24.66 14.77 24.24
CA ASP A 762 23.61 15.57 23.60
C ASP A 762 24.16 16.48 22.50
N GLU A 763 25.41 16.90 22.66
CA GLU A 763 26.04 17.89 21.77
C GLU A 763 26.47 17.33 20.40
N VAL A 764 26.47 16.00 20.28
CA VAL A 764 27.00 15.32 19.09
C VAL A 764 26.25 15.66 17.79
N LEU A 765 24.93 15.55 17.82
CA LEU A 765 24.09 15.75 16.64
C LEU A 765 24.20 17.17 16.07
N ASN A 766 24.15 18.17 16.94
CA ASN A 766 24.28 19.58 16.55
C ASN A 766 25.66 19.90 15.97
N HIS A 767 26.68 19.19 16.47
CA HIS A 767 28.05 19.34 15.97
C HIS A 767 28.20 18.72 14.61
N TRP A 768 27.47 17.63 14.38
CA TRP A 768 27.48 16.92 13.10
C TRP A 768 26.87 17.76 12.01
N LEU A 769 25.76 18.43 12.33
CA LEU A 769 25.08 19.31 11.37
C LEU A 769 25.91 20.53 11.01
N LYS A 770 26.71 21.00 11.96
CA LYS A 770 27.59 22.16 11.75
C LYS A 770 28.70 21.84 10.76
N GLU A 771 29.37 20.70 10.94
CA GLU A 771 30.50 20.31 10.09
C GLU A 771 30.06 19.86 8.68
N LYS A 772 28.77 19.60 8.53
CA LYS A 772 28.19 19.27 7.23
C LYS A 772 27.63 20.50 6.54
N SER A 773 27.62 21.63 7.26
CA SER A 773 27.15 22.90 6.74
C SER A 773 28.31 23.76 6.20
N PRO A 774 28.15 24.31 4.99
CA PRO A 774 29.15 25.22 4.42
C PRO A 774 29.03 26.63 5.00
N THR A 775 27.80 27.14 5.09
CA THR A 775 27.51 28.46 5.60
C THR A 775 26.53 28.43 6.77
N GLU A 776 26.40 29.55 7.47
CA GLU A 776 25.40 29.70 8.53
C GLU A 776 23.99 29.70 7.94
N GLU A 777 23.85 30.31 6.77
CA GLU A 777 22.58 30.39 6.05
C GLU A 777 21.99 29.00 5.77
N LYS A 778 22.87 28.06 5.43
CA LYS A 778 22.45 26.68 5.14
C LYS A 778 22.34 25.83 6.41
N PHE A 779 23.03 26.25 7.47
CA PHE A 779 22.92 25.59 8.77
C PHE A 779 21.58 25.91 9.44
N GLN A 780 21.14 27.17 9.32
CA GLN A 780 19.85 27.60 9.85
C GLN A 780 18.71 26.87 9.14
N ALA A 781 18.90 26.59 7.86
CA ALA A 781 17.95 25.82 7.06
C ALA A 781 17.96 24.34 7.44
N ALA A 782 19.12 23.87 7.90
CA ALA A 782 19.28 22.48 8.34
C ALA A 782 18.62 22.23 9.69
N VAL A 783 18.64 23.23 10.57
CA VAL A 783 17.99 23.14 11.87
C VAL A 783 16.47 23.19 11.71
N GLU A 784 15.99 24.15 10.93
CA GLU A 784 14.55 24.32 10.67
C GLU A 784 13.95 23.09 9.97
N ARG A 785 14.74 22.43 9.12
CA ARG A 785 14.31 21.21 8.46
C ARG A 785 14.25 20.03 9.44
N PHE A 786 15.13 20.05 10.44
CA PHE A 786 15.17 19.01 11.47
C PHE A 786 13.96 19.10 12.38
N VAL A 787 13.62 20.32 12.79
CA VAL A 787 12.47 20.57 13.68
C VAL A 787 11.19 20.05 13.04
N TYR A 788 10.95 20.47 11.80
CA TYR A 788 9.79 20.02 11.03
C TYR A 788 9.77 18.50 10.83
N SER A 789 10.90 17.94 10.38
CA SER A 789 10.97 16.52 10.06
C SER A 789 10.90 15.60 11.29
N CYS A 790 11.46 16.07 12.40
CA CYS A 790 11.38 15.34 13.66
C CYS A 790 9.93 15.28 14.13
N ALA A 791 9.29 16.44 14.20
CA ALA A 791 7.87 16.56 14.53
C ALA A 791 7.03 15.68 13.62
N GLY A 792 7.39 15.66 12.33
CA GLY A 792 6.71 14.83 11.33
C GLY A 792 6.69 13.36 11.69
N TYR A 793 7.85 12.82 12.01
CA TYR A 793 7.97 11.41 12.36
C TYR A 793 7.51 11.11 13.78
N CYS A 794 7.55 12.11 14.65
CA CYS A 794 7.08 11.93 16.02
C CYS A 794 5.58 11.66 16.07
N VAL A 795 4.82 12.39 15.27
CA VAL A 795 3.36 12.24 15.22
C VAL A 795 2.98 10.94 14.49
N ALA A 796 3.56 10.77 13.30
CA ALA A 796 3.27 9.63 12.42
C ALA A 796 3.52 8.28 13.07
N THR A 797 4.69 8.13 13.69
CA THR A 797 5.07 6.87 14.34
C THR A 797 4.25 6.56 15.59
N PHE A 798 3.80 7.60 16.27
CA PHE A 798 3.00 7.45 17.48
C PHE A 798 1.59 6.94 17.17
N VAL A 799 0.96 7.55 16.17
CA VAL A 799 -0.38 7.15 15.74
C VAL A 799 -0.38 5.70 15.23
N LEU A 800 0.66 5.34 14.50
CA LEU A 800 0.80 4.01 13.92
C LEU A 800 1.29 2.95 14.93
N GLY A 801 1.77 3.40 16.09
CA GLY A 801 2.27 2.51 17.12
C GLY A 801 3.62 1.92 16.80
N ILE A 802 4.42 2.65 16.03
CA ILE A 802 5.78 2.22 15.67
C ILE A 802 6.80 3.29 16.08
N GLY A 803 6.56 3.91 17.23
CA GLY A 803 7.38 5.03 17.71
C GLY A 803 8.60 4.63 18.53
N ASP A 804 8.45 3.59 19.35
CA ASP A 804 9.53 3.11 20.21
C ASP A 804 10.56 2.33 19.37
N ARG A 805 11.65 3.02 19.03
CA ARG A 805 12.63 2.50 18.07
C ARG A 805 14.06 2.79 18.47
N HIS A 806 14.96 1.86 18.14
CA HIS A 806 16.40 2.05 18.33
C HIS A 806 16.92 3.00 17.28
N ASN A 807 17.83 3.89 17.67
CA ASN A 807 18.33 4.93 16.77
C ASN A 807 19.23 4.45 15.63
N ASP A 808 19.37 3.14 15.50
CA ASP A 808 20.02 2.54 14.33
C ASP A 808 19.07 2.55 13.14
N ASN A 809 17.77 2.49 13.43
CA ASN A 809 16.74 2.52 12.40
C ASN A 809 16.20 3.92 12.11
N ILE A 810 16.88 4.94 12.65
CA ILE A 810 16.53 6.33 12.38
C ILE A 810 17.72 7.03 11.74
N MET A 811 17.46 7.76 10.66
CA MET A 811 18.52 8.40 9.89
C MET A 811 18.32 9.91 9.76
N ILE A 812 19.38 10.59 9.32
CA ILE A 812 19.33 12.02 9.00
C ILE A 812 20.23 12.33 7.81
N THR A 813 19.80 13.28 6.98
CA THR A 813 20.60 13.74 5.84
C THR A 813 21.56 14.85 6.26
N GLU A 814 22.43 15.26 5.34
CA GLU A 814 23.36 16.37 5.59
C GLU A 814 22.66 17.73 5.55
N THR A 815 21.42 17.75 5.06
CA THR A 815 20.60 18.96 5.01
C THR A 815 19.56 18.99 6.14
N GLY A 816 19.78 18.17 7.16
CA GLY A 816 18.98 18.21 8.39
C GLY A 816 17.76 17.31 8.45
N ASN A 817 17.41 16.69 7.33
CA ASN A 817 16.18 15.90 7.23
C ASN A 817 16.29 14.55 7.95
N LEU A 818 15.52 14.42 9.04
CA LEU A 818 15.42 13.17 9.78
C LEU A 818 14.38 12.26 9.14
N PHE A 819 14.65 10.95 9.13
CA PHE A 819 13.71 9.97 8.59
C PHE A 819 13.90 8.56 9.14
N HIS A 820 12.78 7.88 9.35
CA HIS A 820 12.76 6.50 9.85
C HIS A 820 12.86 5.51 8.74
N ILE A 821 13.53 4.39 9.02
CA ILE A 821 13.67 3.30 8.04
C ILE A 821 13.29 1.95 8.66
N ASP A 822 13.34 0.89 7.85
CA ASP A 822 13.18 -0.50 8.29
C ASP A 822 11.95 -0.76 9.17
N PHE A 823 10.77 -0.66 8.57
CA PHE A 823 9.51 -0.78 9.30
C PHE A 823 9.02 -2.22 9.48
N GLY A 824 9.94 -3.19 9.44
CA GLY A 824 9.59 -4.60 9.58
C GLY A 824 9.52 -5.10 11.02
N HIS A 825 8.44 -5.80 11.34
CA HIS A 825 8.21 -6.49 12.62
C HIS A 825 8.18 -5.59 13.83
N ILE A 826 7.19 -4.70 13.87
CA ILE A 826 6.95 -3.84 15.04
C ILE A 826 5.45 -3.82 15.39
N LYS A 838 9.21 -3.84 31.31
CA LYS A 838 10.06 -3.11 30.38
C LYS A 838 9.58 -1.68 30.17
N GLU A 839 10.54 -0.75 30.11
CA GLU A 839 10.24 0.66 29.89
C GLU A 839 9.96 0.94 28.41
N ARG A 840 8.97 1.80 28.17
CA ARG A 840 8.53 2.13 26.81
C ARG A 840 8.50 3.63 26.55
N VAL A 841 8.38 4.01 25.28
CA VAL A 841 8.31 5.42 24.87
C VAL A 841 7.33 5.60 23.71
N PRO A 842 6.55 6.71 23.71
CA PRO A 842 5.64 6.99 22.59
C PRO A 842 6.37 7.18 21.26
N PHE A 843 7.48 7.93 21.29
CA PHE A 843 8.32 8.15 20.12
C PHE A 843 9.75 8.55 20.53
N VAL A 844 10.65 8.57 19.56
CA VAL A 844 12.05 8.90 19.83
C VAL A 844 12.30 10.40 19.77
N LEU A 845 12.26 11.03 20.93
CA LEU A 845 12.67 12.43 21.10
C LEU A 845 13.71 12.48 22.21
N THR A 846 14.97 12.49 21.82
CA THR A 846 16.09 12.37 22.74
C THR A 846 16.81 13.70 22.97
N PRO A 847 17.65 13.79 24.04
CA PRO A 847 18.36 15.02 24.38
C PRO A 847 19.26 15.61 23.27
N ASP A 848 19.74 14.76 22.36
CA ASP A 848 20.53 15.24 21.23
C ASP A 848 19.66 15.90 20.17
N PHE A 849 18.41 15.44 20.05
CA PHE A 849 17.41 16.06 19.18
C PHE A 849 17.03 17.41 19.76
N LEU A 850 16.87 17.46 21.08
CA LEU A 850 16.47 18.67 21.79
C LEU A 850 17.57 19.72 21.86
N PHE A 851 18.82 19.29 21.71
CA PHE A 851 19.97 20.20 21.70
C PHE A 851 20.07 20.99 20.39
N VAL A 852 19.65 20.36 19.30
CA VAL A 852 19.58 21.03 18.00
C VAL A 852 18.54 22.15 18.08
N MET A 853 17.46 21.88 18.80
CA MET A 853 16.42 22.87 19.07
C MET A 853 16.89 23.91 20.10
N GLY A 854 17.91 23.55 20.87
CA GLY A 854 18.56 24.47 21.82
C GLY A 854 18.09 24.35 23.26
N THR A 855 17.67 23.14 23.64
CA THR A 855 17.09 22.89 24.96
C THR A 855 17.78 21.71 25.67
N SER A 856 18.01 21.87 26.97
CA SER A 856 18.63 20.83 27.77
C SER A 856 17.63 20.18 28.71
N LYS A 859 13.28 23.85 30.84
CA LYS A 859 13.81 24.77 29.84
C LYS A 859 13.06 24.66 28.51
N THR A 860 13.10 25.76 27.74
CA THR A 860 12.45 25.82 26.42
C THR A 860 13.19 26.78 25.49
N SER A 861 12.92 26.65 24.19
CA SER A 861 13.59 27.46 23.17
C SER A 861 12.63 27.86 22.04
N PRO A 862 12.92 28.98 21.34
CA PRO A 862 12.11 29.41 20.20
C PRO A 862 11.92 28.32 19.13
N HIS A 863 12.88 27.40 19.04
CA HIS A 863 12.78 26.27 18.12
C HIS A 863 11.94 25.16 18.69
N PHE A 864 12.06 24.93 20.00
CA PHE A 864 11.26 23.93 20.70
C PHE A 864 9.80 24.36 20.85
N GLN A 865 9.58 25.67 20.97
CA GLN A 865 8.24 26.26 20.96
C GLN A 865 7.61 26.09 19.59
N LYS A 866 8.43 26.25 18.55
CA LYS A 866 8.03 26.00 17.17
C LYS A 866 7.74 24.51 16.97
N PHE A 867 8.56 23.66 17.61
CA PHE A 867 8.41 22.21 17.55
C PHE A 867 7.07 21.74 18.11
N GLN A 868 6.73 22.24 19.30
CA GLN A 868 5.47 21.90 19.96
C GLN A 868 4.26 22.46 19.20
N ASP A 869 4.42 23.64 18.62
CA ASP A 869 3.38 24.26 17.81
C ASP A 869 3.07 23.43 16.55
N ILE A 870 4.11 22.86 15.95
CA ILE A 870 3.97 22.02 14.76
C ILE A 870 3.34 20.67 15.10
N CYS A 871 3.84 20.03 16.17
CA CYS A 871 3.33 18.73 16.62
C CYS A 871 1.81 18.72 16.84
N VAL A 872 1.33 19.67 17.64
CA VAL A 872 -0.09 19.81 17.95
C VAL A 872 -0.90 20.01 16.68
N LYS A 873 -0.50 20.99 15.86
CA LYS A 873 -1.18 21.30 14.61
C LYS A 873 -1.21 20.11 13.64
N ALA A 874 -0.17 19.28 13.70
CA ALA A 874 -0.09 18.07 12.87
C ALA A 874 -0.96 16.95 13.43
N TYR A 875 -0.88 16.75 14.75
CA TYR A 875 -1.65 15.71 15.44
C TYR A 875 -3.15 15.93 15.33
N LEU A 876 -3.58 17.19 15.50
CA LEU A 876 -4.98 17.56 15.38
C LEU A 876 -5.48 17.44 13.93
N ALA A 877 -4.57 17.70 12.98
CA ALA A 877 -4.88 17.58 11.56
C ALA A 877 -5.16 16.15 11.15
N LEU A 878 -4.39 15.21 11.72
CA LEU A 878 -4.61 13.79 11.51
C LEU A 878 -5.92 13.33 12.17
N ARG A 879 -6.19 13.86 13.36
CA ARG A 879 -7.42 13.54 14.10
C ARG A 879 -8.68 13.96 13.34
N HIS A 880 -8.54 14.93 12.45
CA HIS A 880 -9.64 15.34 11.58
C HIS A 880 -9.99 14.27 10.58
N HIS A 881 -9.10 13.30 10.42
CA HIS A 881 -9.31 12.18 9.52
C HIS A 881 -9.22 10.86 10.26
N THR A 882 -9.80 10.83 11.45
CA THR A 882 -9.75 9.67 12.35
C THR A 882 -10.23 8.37 11.68
N ASN A 883 -11.45 8.39 11.17
CA ASN A 883 -12.02 7.21 10.51
C ASN A 883 -11.11 6.60 9.44
N LEU A 884 -10.66 7.43 8.50
CA LEU A 884 -9.77 7.00 7.41
C LEU A 884 -8.52 6.28 7.93
N LEU A 885 -7.83 6.91 8.89
CA LEU A 885 -6.60 6.33 9.45
C LEU A 885 -6.85 5.02 10.20
N ILE A 886 -8.03 4.90 10.83
CA ILE A 886 -8.43 3.67 11.51
C ILE A 886 -8.63 2.53 10.51
N ILE A 887 -9.33 2.81 9.41
CA ILE A 887 -9.58 1.81 8.38
C ILE A 887 -8.29 1.38 7.68
N LEU A 888 -7.46 2.36 7.33
CA LEU A 888 -6.18 2.07 6.69
C LEU A 888 -5.30 1.22 7.61
N PHE A 889 -5.35 1.50 8.91
CA PHE A 889 -4.63 0.74 9.92
C PHE A 889 -5.20 -0.66 10.02
N SER A 890 -6.51 -0.76 10.24
CA SER A 890 -7.23 -2.04 10.33
C SER A 890 -6.91 -2.93 9.13
N MET A 891 -6.99 -2.37 7.93
CA MET A 891 -6.68 -3.07 6.70
C MET A 891 -5.22 -3.50 6.61
N MET A 892 -4.32 -2.63 7.07
CA MET A 892 -2.88 -2.91 7.05
C MET A 892 -2.54 -4.16 7.86
N LEU A 893 -3.15 -4.31 9.02
CA LEU A 893 -2.88 -5.46 9.90
C LEU A 893 -3.47 -6.75 9.36
N MET A 894 -4.57 -6.64 8.61
CA MET A 894 -5.25 -7.80 8.07
C MET A 894 -4.61 -8.33 6.81
N THR A 895 -3.92 -7.46 6.08
CA THR A 895 -3.34 -7.82 4.79
C THR A 895 -1.81 -7.84 4.79
N GLY A 896 -1.21 -7.21 5.77
CA GLY A 896 0.25 -6.99 5.79
C GLY A 896 1.03 -7.74 6.85
N MET A 897 0.54 -7.75 8.09
CA MET A 897 1.22 -8.41 9.20
C MET A 897 0.81 -9.88 9.33
N SER A 902 -4.78 -9.32 16.04
CA SER A 902 -5.95 -9.41 16.92
C SER A 902 -6.69 -8.09 17.03
N LYS A 903 -7.89 -8.15 17.61
CA LYS A 903 -8.74 -6.97 17.86
C LYS A 903 -8.03 -5.94 18.75
N GLU A 904 -7.25 -6.43 19.70
CA GLU A 904 -6.51 -5.59 20.65
C GLU A 904 -5.36 -4.82 20.00
N ASP A 905 -4.85 -5.34 18.89
CA ASP A 905 -3.81 -4.67 18.13
C ASP A 905 -4.36 -3.48 17.36
N ILE A 906 -5.59 -3.63 16.85
CA ILE A 906 -6.24 -2.58 16.06
C ILE A 906 -6.71 -1.43 16.95
N GLU A 907 -7.13 -1.75 18.17
CA GLU A 907 -7.71 -0.77 19.09
C GLU A 907 -6.70 0.21 19.68
N TYR A 908 -5.41 0.00 19.36
CA TYR A 908 -4.35 0.91 19.80
C TYR A 908 -4.55 2.32 19.21
N ILE A 909 -4.91 2.37 17.93
CA ILE A 909 -5.01 3.63 17.20
C ILE A 909 -6.16 4.52 17.66
N ARG A 910 -7.20 3.90 18.22
CA ARG A 910 -8.32 4.66 18.80
C ARG A 910 -7.84 5.53 19.96
N ASP A 911 -7.09 4.91 20.86
CA ASP A 911 -6.53 5.61 22.02
C ASP A 911 -5.48 6.63 21.58
N ALA A 912 -4.66 6.25 20.60
CA ALA A 912 -3.60 7.12 20.07
C ALA A 912 -4.16 8.39 19.41
N LEU A 913 -5.34 8.28 18.80
CA LEU A 913 -6.00 9.43 18.19
C LEU A 913 -7.08 10.02 19.09
N THR A 914 -7.09 9.56 20.35
CA THR A 914 -8.00 10.07 21.40
C THR A 914 -9.42 10.32 20.90
N VAL A 915 -10.05 9.28 20.40
CA VAL A 915 -11.43 9.34 19.90
C VAL A 915 -12.37 9.65 21.06
N GLY A 916 -13.20 10.69 20.88
CA GLY A 916 -14.15 11.11 21.90
C GLY A 916 -13.76 12.40 22.60
N LYS A 917 -12.46 12.68 22.65
CA LYS A 917 -11.93 13.89 23.28
C LYS A 917 -11.99 15.10 22.34
N ASN A 918 -12.08 16.30 22.91
CA ASN A 918 -12.10 17.54 22.14
C ASN A 918 -10.68 18.04 21.82
N GLU A 919 -10.58 19.02 20.92
CA GLU A 919 -9.30 19.55 20.45
C GLU A 919 -8.39 20.06 21.58
N GLU A 920 -8.96 20.84 22.49
CA GLU A 920 -8.21 21.37 23.64
C GLU A 920 -7.63 20.24 24.48
N ASP A 921 -8.47 19.27 24.82
CA ASP A 921 -8.08 18.12 25.62
C ASP A 921 -7.04 17.26 24.89
N ALA A 922 -7.18 17.13 23.58
CA ALA A 922 -6.26 16.36 22.75
C ALA A 922 -4.92 17.06 22.56
N LYS A 923 -4.95 18.40 22.54
CA LYS A 923 -3.74 19.21 22.42
C LYS A 923 -2.80 18.94 23.59
N LYS A 924 -3.36 18.89 24.81
CA LYS A 924 -2.59 18.61 26.01
C LYS A 924 -2.08 17.17 26.04
N TYR A 925 -2.90 16.24 25.56
CA TYR A 925 -2.55 14.81 25.54
C TYR A 925 -1.21 14.55 24.85
N PHE A 926 -1.03 15.14 23.68
CA PHE A 926 0.21 14.95 22.93
C PHE A 926 1.37 15.75 23.52
N LEU A 927 1.05 16.88 24.14
CA LEU A 927 2.04 17.67 24.87
C LEU A 927 2.55 16.93 26.09
N ASP A 928 1.70 16.06 26.65
CA ASP A 928 2.11 15.14 27.71
C ASP A 928 3.08 14.10 27.16
N GLN A 929 2.77 13.56 25.98
CA GLN A 929 3.61 12.54 25.33
C GLN A 929 5.01 13.05 25.03
N ILE A 930 5.11 14.32 24.65
CA ILE A 930 6.39 14.98 24.41
C ILE A 930 7.16 15.09 25.73
N GLU A 931 6.46 15.45 26.80
CA GLU A 931 7.04 15.56 28.14
C GLU A 931 7.47 14.22 28.74
N VAL A 932 6.89 13.13 28.23
CA VAL A 932 7.29 11.79 28.64
C VAL A 932 8.67 11.47 28.08
N CYS A 933 8.91 11.89 26.83
CA CYS A 933 10.19 11.68 26.16
C CYS A 933 11.34 12.44 26.83
N ARG A 934 11.03 13.61 27.38
CA ARG A 934 12.03 14.41 28.10
C ARG A 934 12.27 13.84 29.50
N ASP A 935 11.25 13.22 30.08
CA ASP A 935 11.37 12.59 31.39
C ASP A 935 12.03 11.21 31.31
N LYS A 936 12.02 10.61 30.11
CA LYS A 936 12.65 9.31 29.88
C LYS A 936 14.12 9.45 29.51
N GLY A 937 14.45 10.50 28.76
CA GLY A 937 15.83 10.78 28.35
C GLY A 937 16.45 9.71 27.46
N TRP A 938 17.56 9.15 27.94
CA TRP A 938 18.31 8.11 27.21
C TRP A 938 17.94 6.72 27.62
N THR A 939 17.15 6.60 28.69
CA THR A 939 16.80 5.30 29.30
C THR A 939 16.40 4.23 28.27
N VAL A 940 15.46 4.59 27.41
CA VAL A 940 14.91 3.66 26.41
C VAL A 940 15.98 3.29 25.37
N GLN A 941 16.68 4.29 24.86
CA GLN A 941 17.76 4.09 23.89
C GLN A 941 18.91 3.28 24.48
N PHE A 942 19.24 3.57 25.74
CA PHE A 942 20.26 2.84 26.49
C PHE A 942 19.88 1.37 26.66
N ASN A 943 18.61 1.12 26.95
CA ASN A 943 18.07 -0.24 27.06
C ASN A 943 18.09 -0.98 25.72
N TRP A 944 17.81 -0.25 24.62
CA TRP A 944 17.92 -0.78 23.27
C TRP A 944 19.32 -1.21 22.94
N PHE A 945 20.29 -0.37 23.33
CA PHE A 945 21.71 -0.66 23.12
C PHE A 945 22.17 -1.92 23.85
N LEU A 946 21.67 -2.11 25.07
CA LEU A 946 21.96 -3.31 25.85
C LEU A 946 21.30 -4.54 25.25
N HIS A 947 20.11 -4.35 24.69
CA HIS A 947 19.34 -5.43 24.06
C HIS A 947 20.03 -5.99 22.84
N LEU A 948 20.72 -5.12 22.11
CA LEU A 948 21.47 -5.54 20.92
C LEU A 948 22.85 -6.10 21.25
N VAL A 949 23.17 -6.21 22.54
CA VAL A 949 24.37 -6.91 23.01
C VAL A 949 23.94 -8.11 23.86
N LEU A 950 23.02 -8.90 23.30
CA LEU A 950 22.45 -10.10 23.95
C LEU A 950 21.85 -9.81 25.32
S SO4 B . -4.50 27.88 -5.93
O1 SO4 B . -3.61 26.88 -6.56
O2 SO4 B . -4.19 29.22 -6.46
O3 SO4 B . -5.91 27.54 -6.23
O4 SO4 B . -4.30 27.88 -4.46
S SO4 C . -38.80 -4.84 9.15
O1 SO4 C . -40.10 -5.50 9.39
O2 SO4 C . -37.74 -5.87 9.03
O3 SO4 C . -38.87 -4.04 7.90
O4 SO4 C . -38.49 -3.94 10.29
S SO4 D . 3.08 5.42 -4.81
O1 SO4 D . 3.36 6.05 -3.50
O2 SO4 D . 2.81 3.98 -4.63
O3 SO4 D . 1.90 6.07 -5.43
O4 SO4 D . 4.25 5.60 -5.70
S SO4 E . 13.43 -1.60 16.59
O1 SO4 E . 13.36 -2.62 15.51
O2 SO4 E . 14.00 -0.35 16.04
O3 SO4 E . 12.08 -1.35 17.12
O4 SO4 E . 14.30 -2.10 17.68
C15 0U0 F . 23.01 6.73 2.52
N10 0U0 F . 24.28 6.74 2.88
C16 0U0 F . 24.77 5.83 3.71
C17 0U0 F . 23.93 4.84 4.22
N11 0U0 F . 22.65 4.82 3.86
C14 0U0 F . 22.16 5.75 3.02
N7 0U0 F . 20.87 5.76 2.63
C9 0U0 F . 19.89 4.92 3.02
C8 0U0 F . 20.14 3.67 3.59
N5 0U0 F . 18.62 5.30 2.83
C10 0U0 F . 17.60 4.50 3.20
C18 0U0 F . 16.16 4.95 2.98
N6 0U0 F . 17.82 3.30 3.75
C7 0U0 F . 19.07 2.85 3.95
C5 0U0 F . 19.25 1.59 4.53
N2 0U0 F . 20.46 1.01 4.95
N1 0U0 F . 21.64 1.40 4.94
C2 0U0 F . 22.63 0.65 5.41
C1 0U0 F . 22.39 -0.61 5.93
C4 0U0 F . 21.09 -1.09 5.96
C3 0U0 F . 20.09 -0.25 5.45
N3 0U0 F . 18.77 -0.42 5.34
C6 0U0 F . 18.25 0.68 4.79
N4 0U0 F . 16.95 0.89 4.52
C11 0U0 F . 15.98 0.02 4.78
C13 0U0 F . 14.69 0.28 4.65
C12 0U0 F . 14.08 -0.84 4.99
N9 0U0 F . 15.02 -1.74 5.33
N8 0U0 F . 16.13 -1.23 5.20
#